data_2DFK
#
_entry.id   2DFK
#
_cell.length_a   57.957
_cell.length_b   147.499
_cell.length_c   167.220
_cell.angle_alpha   90.00
_cell.angle_beta   90.00
_cell.angle_gamma   90.00
#
_symmetry.space_group_name_H-M   'P 21 21 21'
#
loop_
_entity.id
_entity.type
_entity.pdbx_description
1 polymer 'collybistin II'
2 polymer 'cell division cycle 42 isoform 1'
3 non-polymer GLYCEROL
4 non-polymer 'SULFATE ION'
5 water water
#
loop_
_entity_poly.entity_id
_entity_poly.type
_entity_poly.pdbx_seq_one_letter_code
_entity_poly.pdbx_strand_id
1 'polypeptide(L)'
;MLWVNQEDGVEEGPSDVQNGHLDPNSDCLCLGRPLQNRDQMRANVINEIMSTERHYIKHLKDICEGYLKQCRKRRDMFSD
EQLKVIFGNIEDIYRFQMGFVRDLEKQYNNDDPHLSEIGPCFLEHQDGFWIYSEYCNNHLDACMELSKLMKDSRYQHFFE
ACRLLQQMIDIAIDGFLLTPVQKICKYPLQLAELLKYTAQDHSDYRYVAAALAVMRNVTQQINERKRRLENIDKIAQWQA
SVLDWEGDDILDRSSELIYTGEMAWIYQPYGRNQQRVFFLFDHQMVLCKKDLIRRDILYYKGRIDMDKYEVIDIEDGRDD
DFNVSMKNAFKLHNKETEEVHLFFAKKLEEKIRWLRAFREERKMVQEDEKIGFEISENQKRQAAMTVRKASKQKVTQRKW
HY
;
A,C
2 'polypeptide(L)'
;GSHMQTIKCVVVGDGAVGKTCLLISYTTNKFPSEYVPTVFDNYAVTVMIGGEPYTLGLFDTAGQEDYDRLRPLSYPQTDV
FLVCFSVVSPSSFENVKEKWVPEITHHCPKTPFLLVGTQIDLRDDPSTIEKLAKNKQKPITPETAEKLARDLKAVKYVEC
SALTQKGLKNVFDEAILAALEPPEPKKSRRCVLL
;
B,D
#
loop_
_chem_comp.id
_chem_comp.type
_chem_comp.name
_chem_comp.formula
GOL non-polymer GLYCEROL 'C3 H8 O3'
SO4 non-polymer 'SULFATE ION' 'O4 S -2'
#
# COMPACT_ATOMS: atom_id res chain seq x y z
N CYS A 28 1.72 20.04 4.43
CA CYS A 28 1.51 18.71 5.12
C CYS A 28 2.61 18.42 6.18
N LEU A 29 2.85 17.14 6.49
CA LEU A 29 3.78 16.73 7.58
C LEU A 29 4.77 15.54 7.28
N CYS A 30 4.46 14.69 6.29
CA CYS A 30 5.31 13.55 5.85
C CYS A 30 5.58 12.45 6.90
N LEU A 31 4.58 12.15 7.72
CA LEU A 31 4.80 11.23 8.83
C LEU A 31 4.62 9.75 8.48
N GLY A 32 4.39 9.44 7.21
CA GLY A 32 4.23 8.06 6.79
C GLY A 32 5.53 7.37 6.45
N ARG A 33 5.47 6.06 6.33
CA ARG A 33 6.64 5.27 5.99
C ARG A 33 6.74 5.07 4.45
N PRO A 34 7.90 4.60 3.97
CA PRO A 34 8.13 4.39 2.53
C PRO A 34 7.07 3.53 1.83
N LEU A 35 6.39 4.09 0.82
CA LEU A 35 5.54 3.34 -0.11
C LEU A 35 6.02 3.51 -1.56
N GLN A 36 6.02 2.42 -2.31
CA GLN A 36 6.34 2.40 -3.75
C GLN A 36 5.30 3.18 -4.54
N ASN A 37 5.73 3.83 -5.62
CA ASN A 37 4.85 4.73 -6.41
C ASN A 37 3.80 3.91 -7.16
N ARG A 38 2.74 4.57 -7.62
CA ARG A 38 1.62 3.92 -8.27
C ARG A 38 1.95 3.07 -9.52
N ASP A 39 2.71 3.57 -10.49
CA ASP A 39 3.14 2.73 -11.63
C ASP A 39 3.97 1.49 -11.27
N GLN A 40 4.88 1.64 -10.33
CA GLN A 40 5.63 0.53 -9.79
C GLN A 40 4.72 -0.50 -9.10
N MET A 41 3.73 -0.05 -8.33
CA MET A 41 2.80 -0.96 -7.73
C MET A 41 2.01 -1.71 -8.81
N ARG A 42 1.65 -1.02 -9.89
CA ARG A 42 1.01 -1.75 -10.99
C ARG A 42 1.94 -2.76 -11.58
N ALA A 43 3.20 -2.39 -11.81
CA ALA A 43 4.20 -3.38 -12.29
C ALA A 43 4.33 -4.56 -11.29
N ASN A 44 4.30 -4.28 -9.99
CA ASN A 44 4.37 -5.35 -8.97
C ASN A 44 3.20 -6.31 -9.06
N VAL A 45 2.02 -5.76 -9.27
CA VAL A 45 0.84 -6.58 -9.40
C VAL A 45 0.83 -7.43 -10.64
N ILE A 46 1.21 -6.82 -11.76
CA ILE A 46 1.27 -7.59 -13.03
C ILE A 46 2.21 -8.77 -12.86
N ASN A 47 3.41 -8.50 -12.34
CA ASN A 47 4.30 -9.60 -12.06
C ASN A 47 3.74 -10.66 -11.13
N GLU A 48 3.01 -10.26 -10.10
CA GLU A 48 2.34 -11.24 -9.19
C GLU A 48 1.32 -12.04 -9.96
N ILE A 49 0.55 -11.39 -10.82
CA ILE A 49 -0.42 -12.16 -11.57
C ILE A 49 0.22 -13.23 -12.47
N MET A 50 1.29 -12.90 -13.15
CA MET A 50 1.95 -13.80 -14.06
C MET A 50 2.56 -14.95 -13.28
N SER A 51 3.19 -14.61 -12.18
CA SER A 51 3.89 -15.52 -11.37
C SER A 51 2.96 -16.47 -10.62
N THR A 52 1.81 -15.99 -10.14
CA THR A 52 0.86 -16.88 -9.49
C THR A 52 0.17 -17.77 -10.49
N GLU A 53 -0.02 -17.29 -11.72
CA GLU A 53 -0.54 -18.18 -12.74
C GLU A 53 0.45 -19.29 -13.14
N ARG A 54 1.73 -19.00 -13.27
CA ARG A 54 2.73 -20.04 -13.54
C ARG A 54 2.88 -21.02 -12.37
N HIS A 55 2.89 -20.55 -11.13
CA HIS A 55 2.92 -21.47 -9.99
C HIS A 55 1.65 -22.34 -9.92
N TYR A 56 0.52 -21.75 -10.28
CA TYR A 56 -0.75 -22.49 -10.27
C TYR A 56 -0.74 -23.59 -11.30
N ILE A 57 -0.22 -23.30 -12.45
CA ILE A 57 -0.23 -24.34 -13.49
C ILE A 57 0.78 -25.42 -13.16
N LYS A 58 1.89 -25.06 -12.48
CA LYS A 58 2.83 -26.05 -11.99
C LYS A 58 2.16 -27.00 -10.95
N HIS A 59 1.32 -26.47 -10.06
CA HIS A 59 0.56 -27.34 -9.20
C HIS A 59 -0.40 -28.23 -9.98
N LEU A 60 -1.04 -27.72 -11.02
CA LEU A 60 -1.96 -28.53 -11.80
C LEU A 60 -1.20 -29.66 -12.52
N LYS A 61 -0.04 -29.31 -13.05
CA LYS A 61 0.76 -30.29 -13.71
C LYS A 61 1.26 -31.35 -12.73
N ASP A 62 1.65 -30.94 -11.53
CA ASP A 62 2.11 -31.84 -10.53
C ASP A 62 1.00 -32.77 -10.07
N ILE A 63 -0.20 -32.27 -9.97
CA ILE A 63 -1.36 -33.18 -9.72
C ILE A 63 -1.55 -34.18 -10.83
N CYS A 64 -1.55 -33.72 -12.07
CA CYS A 64 -1.90 -34.59 -13.17
C CYS A 64 -0.81 -35.58 -13.52
N GLU A 65 0.45 -35.15 -13.49
CA GLU A 65 1.59 -35.99 -13.77
C GLU A 65 2.06 -36.77 -12.54
N GLY A 66 1.98 -36.21 -11.34
CA GLY A 66 2.52 -36.87 -10.17
C GLY A 66 1.57 -37.80 -9.43
N TYR A 67 0.30 -37.44 -9.39
CA TYR A 67 -0.76 -38.27 -8.83
C TYR A 67 -1.63 -38.99 -9.85
N LEU A 68 -2.29 -38.26 -10.72
CA LEU A 68 -3.34 -38.86 -11.60
C LEU A 68 -2.75 -39.92 -12.53
N LYS A 69 -1.60 -39.62 -13.10
CA LYS A 69 -1.00 -40.53 -14.04
C LYS A 69 -0.53 -41.76 -13.31
N GLN A 70 -0.04 -41.59 -12.08
CA GLN A 70 0.43 -42.77 -11.34
C GLN A 70 -0.74 -43.63 -10.89
N CYS A 71 -1.86 -43.01 -10.53
CA CYS A 71 -3.05 -43.72 -10.09
C CYS A 71 -3.66 -44.53 -11.21
N ARG A 72 -3.73 -43.97 -12.41
CA ARG A 72 -4.25 -44.63 -13.59
C ARG A 72 -3.40 -45.82 -13.98
N LYS A 73 -2.11 -45.81 -13.67
CA LYS A 73 -1.22 -46.95 -13.92
C LYS A 73 -1.55 -48.11 -12.98
N ARG A 74 -1.93 -47.83 -11.72
CA ARG A 74 -2.24 -48.87 -10.73
C ARG A 74 -3.71 -49.18 -10.72
N ARG A 75 -4.14 -49.95 -11.71
CA ARG A 75 -5.53 -50.42 -11.79
C ARG A 75 -5.93 -51.37 -10.64
N ASP A 76 -4.95 -51.93 -9.92
CA ASP A 76 -5.22 -52.84 -8.82
C ASP A 76 -5.42 -52.10 -7.49
N MET A 77 -5.30 -50.78 -7.50
CA MET A 77 -5.43 -49.95 -6.33
C MET A 77 -6.51 -48.84 -6.45
N PHE A 78 -6.81 -48.42 -7.68
CA PHE A 78 -7.80 -47.39 -7.95
C PHE A 78 -8.71 -47.86 -9.05
N SER A 79 -10.02 -47.95 -8.82
CA SER A 79 -10.97 -48.15 -9.93
C SER A 79 -11.20 -46.87 -10.70
N ASP A 80 -11.81 -46.98 -11.87
CA ASP A 80 -12.22 -45.80 -12.63
C ASP A 80 -13.04 -44.81 -11.84
N GLU A 81 -13.98 -45.36 -11.10
CA GLU A 81 -14.91 -44.57 -10.37
C GLU A 81 -14.17 -43.84 -9.26
N GLN A 82 -13.26 -44.51 -8.55
CA GLN A 82 -12.43 -43.83 -7.53
C GLN A 82 -11.62 -42.65 -8.12
N LEU A 83 -11.05 -42.83 -9.32
CA LEU A 83 -10.33 -41.74 -9.98
C LEU A 83 -11.23 -40.57 -10.33
N LYS A 84 -12.39 -40.84 -10.91
CA LYS A 84 -13.35 -39.79 -11.25
C LYS A 84 -13.76 -39.06 -9.93
N VAL A 85 -14.02 -39.81 -8.84
CA VAL A 85 -14.45 -39.17 -7.59
C VAL A 85 -13.32 -38.30 -7.00
N ILE A 86 -12.10 -38.81 -6.98
CA ILE A 86 -11.00 -38.09 -6.33
C ILE A 86 -10.48 -36.89 -7.19
N PHE A 87 -10.35 -37.09 -8.48
CA PHE A 87 -9.70 -36.09 -9.35
C PHE A 87 -10.66 -35.22 -10.16
N GLY A 88 -11.92 -35.66 -10.27
CA GLY A 88 -12.95 -34.98 -11.05
C GLY A 88 -12.39 -34.51 -12.36
N ASN A 89 -12.58 -33.24 -12.70
CA ASN A 89 -12.13 -32.70 -13.99
C ASN A 89 -10.80 -31.95 -13.85
N ILE A 90 -9.92 -32.33 -12.92
CA ILE A 90 -8.67 -31.57 -12.74
C ILE A 90 -7.86 -31.47 -13.99
N GLU A 91 -7.92 -32.51 -14.82
CA GLU A 91 -7.15 -32.52 -16.04
C GLU A 91 -7.70 -31.54 -17.05
N ASP A 92 -9.00 -31.40 -17.10
CA ASP A 92 -9.60 -30.34 -17.92
C ASP A 92 -9.31 -28.89 -17.45
N ILE A 93 -9.21 -28.71 -16.15
CA ILE A 93 -8.71 -27.45 -15.62
C ILE A 93 -7.24 -27.17 -15.99
N TYR A 94 -6.38 -28.18 -15.90
CA TYR A 94 -4.97 -28.04 -16.33
C TYR A 94 -4.92 -27.61 -17.81
N ARG A 95 -5.71 -28.24 -18.61
CA ARG A 95 -5.77 -27.95 -20.04
C ARG A 95 -6.23 -26.52 -20.33
N PHE A 96 -7.27 -26.06 -19.66
CA PHE A 96 -7.75 -24.67 -19.74
C PHE A 96 -6.64 -23.72 -19.34
N GLN A 97 -6.01 -24.01 -18.21
CA GLN A 97 -5.00 -23.15 -17.70
C GLN A 97 -3.76 -23.02 -18.61
N MET A 98 -3.39 -24.07 -19.34
CA MET A 98 -2.27 -23.98 -20.32
C MET A 98 -2.54 -22.87 -21.33
N GLY A 99 -3.74 -22.92 -21.90
CA GLY A 99 -4.22 -21.85 -22.80
C GLY A 99 -4.31 -20.48 -22.14
N PHE A 100 -4.70 -20.41 -20.87
CA PHE A 100 -4.93 -19.10 -20.23
C PHE A 100 -3.54 -18.48 -19.99
N VAL A 101 -2.63 -19.29 -19.51
CA VAL A 101 -1.26 -18.81 -19.28
C VAL A 101 -0.55 -18.34 -20.54
N ARG A 102 -0.66 -19.09 -21.63
CA ARG A 102 -0.02 -18.72 -22.92
C ARG A 102 -0.50 -17.30 -23.35
N ASP A 103 -1.80 -17.07 -23.23
CA ASP A 103 -2.40 -15.80 -23.58
C ASP A 103 -1.98 -14.65 -22.64
N LEU A 104 -1.90 -14.89 -21.34
CA LEU A 104 -1.38 -13.86 -20.46
C LEU A 104 0.04 -13.47 -20.82
N GLU A 105 0.86 -14.47 -21.08
CA GLU A 105 2.26 -14.21 -21.33
C GLU A 105 2.43 -13.40 -22.61
N LYS A 106 1.53 -13.60 -23.59
CA LYS A 106 1.61 -12.86 -24.83
C LYS A 106 1.32 -11.43 -24.59
N GLN A 107 0.55 -11.09 -23.56
CA GLN A 107 0.29 -9.67 -23.31
C GLN A 107 1.35 -8.96 -22.46
N TYR A 108 2.22 -9.72 -21.81
CA TYR A 108 3.23 -9.15 -20.95
C TYR A 108 4.19 -8.25 -21.75
N ASN A 109 4.30 -7.02 -21.31
CA ASN A 109 5.20 -6.08 -21.98
C ASN A 109 6.61 -6.08 -21.29
N ASN A 110 7.58 -6.77 -21.89
CA ASN A 110 8.98 -6.82 -21.39
C ASN A 110 9.65 -5.49 -21.20
N ASP A 111 9.38 -4.55 -22.11
CA ASP A 111 9.99 -3.20 -22.07
C ASP A 111 9.54 -2.38 -20.86
N ASP A 112 8.24 -2.53 -20.52
CA ASP A 112 7.56 -1.69 -19.56
C ASP A 112 6.39 -2.48 -18.96
N PRO A 113 6.67 -3.38 -18.01
CA PRO A 113 5.66 -4.27 -17.45
C PRO A 113 4.37 -3.57 -17.07
N HIS A 114 4.43 -2.37 -16.52
CA HIS A 114 3.22 -1.72 -16.08
C HIS A 114 2.28 -1.37 -17.20
N LEU A 115 2.73 -1.48 -18.44
CA LEU A 115 1.91 -1.11 -19.56
C LEU A 115 1.17 -2.36 -20.04
N SER A 116 1.48 -3.54 -19.50
CA SER A 116 0.80 -4.76 -19.90
C SER A 116 -0.72 -4.66 -19.76
N GLU A 117 -1.45 -5.18 -20.73
CA GLU A 117 -2.90 -5.10 -20.79
C GLU A 117 -3.47 -6.52 -20.66
N ILE A 118 -3.86 -6.95 -19.45
CA ILE A 118 -4.36 -8.31 -19.27
C ILE A 118 -5.83 -8.50 -19.10
N GLY A 119 -6.54 -7.41 -19.02
CA GLY A 119 -7.97 -7.43 -18.94
C GLY A 119 -8.58 -8.27 -20.04
N PRO A 120 -8.24 -8.06 -21.30
CA PRO A 120 -8.88 -8.87 -22.35
C PRO A 120 -8.58 -10.37 -22.20
N CYS A 121 -7.52 -10.81 -21.51
CA CYS A 121 -7.29 -12.26 -21.47
C CYS A 121 -8.37 -12.92 -20.63
N PHE A 122 -8.73 -12.28 -19.52
CA PHE A 122 -9.82 -12.76 -18.70
C PHE A 122 -11.16 -12.72 -19.45
N LEU A 123 -11.44 -11.64 -20.13
CA LEU A 123 -12.67 -11.51 -20.89
C LEU A 123 -12.78 -12.55 -21.99
N GLU A 124 -11.72 -12.80 -22.72
CA GLU A 124 -11.86 -13.79 -23.83
C GLU A 124 -11.89 -15.25 -23.33
N HIS A 125 -11.51 -15.51 -22.11
CA HIS A 125 -11.60 -16.87 -21.55
C HIS A 125 -12.77 -17.13 -20.58
N GLN A 126 -13.68 -16.17 -20.50
CA GLN A 126 -14.68 -16.18 -19.40
C GLN A 126 -15.56 -17.42 -19.31
N ASP A 127 -15.98 -17.98 -20.45
CA ASP A 127 -16.85 -19.16 -20.44
C ASP A 127 -16.08 -20.38 -19.98
N GLY A 128 -14.81 -20.42 -20.33
CA GLY A 128 -13.98 -21.49 -19.87
C GLY A 128 -13.88 -21.59 -18.36
N PHE A 129 -14.00 -20.49 -17.60
CA PHE A 129 -13.92 -20.60 -16.13
C PHE A 129 -15.06 -21.45 -15.55
N TRP A 130 -16.13 -21.71 -16.33
CA TRP A 130 -17.28 -22.45 -15.81
C TRP A 130 -16.93 -23.91 -15.46
N ILE A 131 -15.82 -24.45 -15.97
CA ILE A 131 -15.38 -25.78 -15.54
C ILE A 131 -15.09 -25.87 -14.03
N TYR A 132 -14.80 -24.74 -13.39
CA TYR A 132 -14.61 -24.71 -11.94
C TYR A 132 -15.92 -24.98 -11.15
N SER A 133 -17.08 -24.94 -11.80
CA SER A 133 -18.35 -25.19 -11.11
C SER A 133 -18.47 -26.65 -10.73
N GLU A 134 -18.29 -27.48 -11.73
CA GLU A 134 -18.18 -28.92 -11.53
C GLU A 134 -17.10 -29.32 -10.50
N TYR A 135 -15.93 -28.73 -10.58
CA TYR A 135 -14.89 -29.01 -9.58
C TYR A 135 -15.35 -28.73 -8.15
N CYS A 136 -15.93 -27.55 -7.90
CA CYS A 136 -16.39 -27.19 -6.55
C CYS A 136 -17.56 -28.03 -6.13
N ASN A 137 -18.51 -28.35 -7.03
CA ASN A 137 -19.67 -29.12 -6.64
C ASN A 137 -19.25 -30.51 -6.17
N ASN A 138 -18.18 -31.07 -6.72
CA ASN A 138 -17.83 -32.44 -6.38
C ASN A 138 -16.67 -32.55 -5.41
N HIS A 139 -16.21 -31.43 -4.87
CA HIS A 139 -15.00 -31.52 -4.05
C HIS A 139 -15.13 -32.25 -2.75
N LEU A 140 -16.26 -32.17 -2.08
CA LEU A 140 -16.36 -32.76 -0.76
C LEU A 140 -16.47 -34.32 -0.86
N ASP A 141 -17.11 -34.86 -1.90
CA ASP A 141 -17.01 -36.29 -2.25
C ASP A 141 -15.55 -36.74 -2.46
N ALA A 142 -14.72 -35.88 -3.05
CA ALA A 142 -13.29 -36.14 -3.22
C ALA A 142 -12.60 -36.28 -1.89
N CYS A 143 -12.77 -35.27 -1.03
CA CYS A 143 -12.35 -35.31 0.35
C CYS A 143 -12.87 -36.54 1.07
N MET A 144 -14.12 -36.97 0.84
CA MET A 144 -14.65 -38.12 1.61
C MET A 144 -13.90 -39.36 1.21
N GLU A 145 -13.72 -39.57 -0.08
CA GLU A 145 -13.01 -40.74 -0.61
C GLU A 145 -11.53 -40.79 -0.18
N LEU A 146 -10.83 -39.69 -0.31
CA LEU A 146 -9.44 -39.64 0.15
C LEU A 146 -9.25 -39.97 1.61
N SER A 147 -10.11 -39.43 2.49
CA SER A 147 -10.04 -39.74 3.91
C SER A 147 -10.20 -41.21 4.18
N LYS A 148 -11.03 -41.84 3.38
CA LYS A 148 -11.31 -43.27 3.50
C LYS A 148 -10.03 -44.03 3.13
N LEU A 149 -9.40 -43.61 2.03
CA LEU A 149 -8.25 -44.30 1.52
C LEU A 149 -7.05 -44.08 2.42
N MET A 150 -6.99 -42.91 3.04
CA MET A 150 -5.87 -42.62 3.93
C MET A 150 -5.86 -43.37 5.27
N LYS A 151 -6.88 -44.17 5.55
CA LYS A 151 -6.88 -45.07 6.75
C LYS A 151 -6.00 -46.27 6.55
N ASP A 152 -5.61 -46.48 5.31
CA ASP A 152 -5.03 -47.72 4.85
C ASP A 152 -3.62 -47.35 4.42
N SER A 153 -2.64 -47.99 5.05
CA SER A 153 -1.24 -47.62 4.89
C SER A 153 -0.70 -47.88 3.49
N ARG A 154 -1.30 -48.81 2.73
CA ARG A 154 -0.97 -49.01 1.31
C ARG A 154 -1.05 -47.68 0.52
N TYR A 155 -2.14 -46.94 0.74
CA TYR A 155 -2.44 -45.70 0.01
C TYR A 155 -1.71 -44.51 0.57
N GLN A 156 -1.56 -44.42 1.89
CA GLN A 156 -0.77 -43.38 2.52
C GLN A 156 0.62 -43.43 1.88
N HIS A 157 1.22 -44.61 1.83
CA HIS A 157 2.59 -44.72 1.33
C HIS A 157 2.69 -44.42 -0.17
N PHE A 158 1.70 -44.89 -0.93
CA PHE A 158 1.62 -44.61 -2.33
C PHE A 158 1.56 -43.12 -2.58
N PHE A 159 0.67 -42.45 -1.88
CA PHE A 159 0.47 -41.02 -2.09
C PHE A 159 1.74 -40.25 -1.65
N GLU A 160 2.39 -40.71 -0.60
CA GLU A 160 3.61 -40.00 -0.13
C GLU A 160 4.72 -40.17 -1.17
N ALA A 161 4.87 -41.39 -1.64
CA ALA A 161 5.73 -41.65 -2.82
C ALA A 161 5.49 -40.72 -4.02
N CYS A 162 4.24 -40.57 -4.48
CA CYS A 162 3.98 -39.66 -5.59
C CYS A 162 4.45 -38.26 -5.28
N ARG A 163 4.24 -37.82 -4.05
CA ARG A 163 4.52 -36.44 -3.71
C ARG A 163 6.05 -36.21 -3.70
N LEU A 164 6.78 -37.18 -3.21
CA LEU A 164 8.28 -37.09 -3.14
C LEU A 164 8.86 -37.06 -4.57
N LEU A 165 8.30 -37.86 -5.45
CA LEU A 165 8.87 -37.98 -6.79
C LEU A 165 8.52 -36.82 -7.66
N GLN A 166 7.35 -36.24 -7.47
CA GLN A 166 7.01 -35.02 -8.16
C GLN A 166 7.65 -33.79 -7.49
N GLN A 167 8.38 -33.96 -6.39
CA GLN A 167 9.11 -32.88 -5.72
C GLN A 167 8.16 -31.74 -5.21
N MET A 168 7.03 -32.11 -4.64
CA MET A 168 6.08 -31.10 -4.16
C MET A 168 6.32 -30.84 -2.64
N ILE A 169 5.92 -29.69 -2.15
CA ILE A 169 6.07 -29.35 -0.72
C ILE A 169 5.26 -30.34 0.07
N ASP A 170 5.47 -30.36 1.36
CA ASP A 170 4.86 -31.32 2.27
C ASP A 170 3.43 -30.97 2.74
N ILE A 171 2.55 -30.79 1.75
CA ILE A 171 1.12 -30.69 1.96
C ILE A 171 0.57 -31.93 1.27
N ALA A 172 -0.35 -32.63 1.88
CA ALA A 172 -0.82 -33.85 1.27
C ALA A 172 -1.79 -33.55 0.10
N ILE A 173 -2.18 -34.62 -0.57
CA ILE A 173 -2.87 -34.53 -1.86
C ILE A 173 -4.21 -33.78 -1.71
N ASP A 174 -4.86 -33.91 -0.58
CA ASP A 174 -6.11 -33.20 -0.35
C ASP A 174 -5.97 -31.65 -0.35
N GLY A 175 -4.87 -31.16 0.21
CA GLY A 175 -4.48 -29.76 0.10
C GLY A 175 -4.28 -29.23 -1.28
N PHE A 176 -3.53 -29.99 -2.08
CA PHE A 176 -3.29 -29.68 -3.46
C PHE A 176 -4.53 -29.68 -4.32
N LEU A 177 -5.47 -30.58 -4.02
CA LEU A 177 -6.75 -30.63 -4.75
C LEU A 177 -7.69 -29.49 -4.38
N LEU A 178 -7.37 -28.77 -3.30
CA LEU A 178 -8.08 -27.57 -2.95
C LEU A 178 -7.67 -26.33 -3.73
N THR A 179 -6.49 -26.35 -4.36
CA THR A 179 -5.99 -25.16 -5.05
C THR A 179 -6.90 -24.56 -6.12
N PRO A 180 -7.57 -25.33 -7.01
CA PRO A 180 -8.51 -24.72 -7.95
C PRO A 180 -9.62 -23.91 -7.25
N VAL A 181 -10.18 -24.44 -6.17
CA VAL A 181 -11.16 -23.73 -5.35
C VAL A 181 -10.62 -22.44 -4.81
N GLN A 182 -9.39 -22.40 -4.30
CA GLN A 182 -8.82 -21.17 -3.78
C GLN A 182 -8.53 -20.26 -4.94
N LYS A 183 -8.11 -20.83 -6.06
CA LYS A 183 -7.76 -19.98 -7.17
C LYS A 183 -8.93 -19.17 -7.75
N ILE A 184 -10.08 -19.83 -7.93
CA ILE A 184 -11.24 -19.21 -8.56
C ILE A 184 -11.79 -18.11 -7.68
N CYS A 185 -11.52 -18.20 -6.38
CA CYS A 185 -11.84 -17.12 -5.43
C CYS A 185 -10.75 -16.03 -5.34
N LYS A 186 -9.53 -16.28 -5.82
CA LYS A 186 -8.47 -15.26 -5.71
C LYS A 186 -8.51 -14.25 -6.85
N TYR A 187 -8.99 -14.61 -8.06
CA TYR A 187 -8.94 -13.67 -9.17
C TYR A 187 -9.62 -12.35 -8.91
N PRO A 188 -10.80 -12.31 -8.33
CA PRO A 188 -11.37 -10.95 -8.13
C PRO A 188 -10.44 -10.04 -7.31
N LEU A 189 -9.74 -10.64 -6.34
CA LEU A 189 -8.89 -9.88 -5.45
C LEU A 189 -7.70 -9.35 -6.19
N GLN A 190 -7.14 -10.18 -7.04
CA GLN A 190 -6.00 -9.77 -7.80
C GLN A 190 -6.37 -8.74 -8.80
N LEU A 191 -7.53 -8.85 -9.44
CA LEU A 191 -7.89 -7.87 -10.41
C LEU A 191 -8.27 -6.53 -9.70
N ALA A 192 -8.87 -6.57 -8.54
CA ALA A 192 -9.15 -5.35 -7.75
C ALA A 192 -7.88 -4.60 -7.37
N GLU A 193 -6.83 -5.34 -7.03
CA GLU A 193 -5.55 -4.74 -6.67
C GLU A 193 -4.94 -4.12 -7.94
N LEU A 194 -5.05 -4.81 -9.07
CA LEU A 194 -4.61 -4.22 -10.34
C LEU A 194 -5.35 -2.92 -10.69
N LEU A 195 -6.67 -2.95 -10.54
CA LEU A 195 -7.47 -1.76 -10.76
C LEU A 195 -7.11 -0.56 -9.90
N LYS A 196 -6.83 -0.81 -8.63
CA LYS A 196 -6.52 0.25 -7.68
C LYS A 196 -5.22 1.00 -8.13
N TYR A 197 -4.31 0.34 -8.86
CA TYR A 197 -3.11 1.01 -9.33
C TYR A 197 -3.13 1.39 -10.82
N THR A 198 -4.31 1.41 -11.42
CA THR A 198 -4.41 1.67 -12.85
C THR A 198 -5.06 3.02 -13.01
N ALA A 199 -4.40 3.99 -13.63
CA ALA A 199 -5.04 5.28 -13.94
C ALA A 199 -6.30 5.17 -14.81
N GLN A 200 -7.27 6.06 -14.62
CA GLN A 200 -8.47 6.12 -15.52
C GLN A 200 -8.18 6.18 -17.07
N ASP A 201 -7.15 6.90 -17.54
CA ASP A 201 -6.76 6.81 -18.99
C ASP A 201 -5.84 5.60 -19.48
N HIS A 202 -5.62 4.58 -18.66
CA HIS A 202 -4.74 3.51 -19.07
C HIS A 202 -5.52 2.72 -20.15
N SER A 203 -4.81 2.24 -21.18
CA SER A 203 -5.44 1.42 -22.21
C SER A 203 -6.20 0.20 -21.58
N ASP A 204 -5.84 -0.17 -20.34
CA ASP A 204 -6.38 -1.34 -19.62
C ASP A 204 -7.55 -0.92 -18.68
N TYR A 205 -7.76 0.36 -18.31
CA TYR A 205 -8.62 0.65 -17.13
C TYR A 205 -10.03 0.01 -17.23
N ARG A 206 -10.71 0.33 -18.32
CA ARG A 206 -12.03 -0.18 -18.58
C ARG A 206 -11.99 -1.70 -18.84
N TYR A 207 -10.91 -2.25 -19.36
CA TYR A 207 -10.85 -3.70 -19.56
C TYR A 207 -10.64 -4.42 -18.22
N VAL A 208 -9.83 -3.82 -17.35
CA VAL A 208 -9.61 -4.42 -16.04
C VAL A 208 -10.89 -4.33 -15.23
N ALA A 209 -11.57 -3.19 -15.32
CA ALA A 209 -12.79 -3.02 -14.54
C ALA A 209 -13.82 -4.08 -15.03
N ALA A 210 -13.95 -4.27 -16.35
CA ALA A 210 -14.87 -5.29 -16.85
C ALA A 210 -14.42 -6.69 -16.51
N ALA A 211 -13.13 -6.96 -16.45
CA ALA A 211 -12.68 -8.29 -16.12
C ALA A 211 -12.96 -8.64 -14.65
N LEU A 212 -12.80 -7.64 -13.76
CA LEU A 212 -13.13 -7.75 -12.36
C LEU A 212 -14.58 -8.11 -12.20
N ALA A 213 -15.46 -7.33 -12.82
CA ALA A 213 -16.89 -7.64 -12.81
C ALA A 213 -17.16 -9.04 -13.31
N VAL A 214 -16.59 -9.40 -14.45
CA VAL A 214 -16.85 -10.74 -14.98
C VAL A 214 -16.36 -11.84 -14.02
N MET A 215 -15.19 -11.72 -13.40
CA MET A 215 -14.70 -12.79 -12.58
C MET A 215 -15.42 -12.89 -11.22
N ARG A 216 -15.85 -11.75 -10.63
CA ARG A 216 -16.73 -11.73 -9.47
C ARG A 216 -18.00 -12.51 -9.79
N ASN A 217 -18.57 -12.22 -10.95
CA ASN A 217 -19.79 -12.94 -11.39
C ASN A 217 -19.58 -14.44 -11.58
N VAL A 218 -18.44 -14.84 -12.10
CA VAL A 218 -18.15 -16.29 -12.24
C VAL A 218 -18.19 -16.97 -10.89
N THR A 219 -17.54 -16.35 -9.92
CA THR A 219 -17.46 -16.97 -8.64
C THR A 219 -18.81 -16.95 -7.91
N GLN A 220 -19.53 -15.86 -8.04
CA GLN A 220 -20.85 -15.77 -7.38
C GLN A 220 -21.76 -16.81 -8.01
N GLN A 221 -21.68 -16.95 -9.31
CA GLN A 221 -22.54 -17.93 -9.99
C GLN A 221 -22.13 -19.39 -9.64
N ILE A 222 -20.86 -19.66 -9.43
CA ILE A 222 -20.43 -20.98 -8.94
C ILE A 222 -20.96 -21.24 -7.54
N ASN A 223 -20.86 -20.25 -6.66
CA ASN A 223 -21.40 -20.39 -5.30
C ASN A 223 -22.92 -20.64 -5.31
N GLU A 224 -23.63 -19.87 -6.12
CA GLU A 224 -25.12 -19.98 -6.28
C GLU A 224 -25.58 -21.32 -6.92
N ARG A 225 -24.83 -21.85 -7.90
CA ARG A 225 -25.19 -23.13 -8.52
C ARG A 225 -25.01 -24.22 -7.48
N LYS A 226 -23.99 -24.09 -6.65
CA LYS A 226 -23.72 -25.06 -5.61
C LYS A 226 -24.80 -25.04 -4.53
N ARG A 227 -25.20 -23.83 -4.08
CA ARG A 227 -26.29 -23.66 -3.14
C ARG A 227 -27.55 -24.35 -3.70
N ARG A 228 -27.86 -24.07 -4.96
CA ARG A 228 -29.05 -24.58 -5.59
C ARG A 228 -29.09 -26.11 -5.56
N LEU A 229 -27.96 -26.74 -5.87
CA LEU A 229 -27.88 -28.20 -5.87
C LEU A 229 -27.98 -28.76 -4.46
N GLU A 230 -27.42 -28.07 -3.47
CA GLU A 230 -27.45 -28.53 -2.07
C GLU A 230 -28.82 -28.37 -1.40
N ASN A 231 -29.64 -27.43 -1.89
CA ASN A 231 -30.93 -27.07 -1.32
C ASN A 231 -32.15 -27.83 -1.93
N ILE A 232 -31.92 -28.67 -2.93
CA ILE A 232 -32.96 -29.52 -3.53
C ILE A 232 -33.60 -30.32 -2.41
N ASP A 233 -32.78 -31.06 -1.69
CA ASP A 233 -33.19 -31.72 -0.46
C ASP A 233 -34.14 -30.86 0.37
N LYS A 234 -33.76 -29.61 0.65
CA LYS A 234 -34.59 -28.72 1.51
C LYS A 234 -35.92 -28.38 0.87
N ILE A 235 -35.97 -28.25 -0.45
CA ILE A 235 -37.25 -27.96 -1.06
C ILE A 235 -38.22 -29.16 -0.87
N ALA A 236 -37.75 -30.40 -1.06
CA ALA A 236 -38.58 -31.61 -0.76
C ALA A 236 -39.07 -31.67 0.68
N GLN A 237 -38.16 -31.41 1.65
CA GLN A 237 -38.52 -31.37 3.08
C GLN A 237 -39.55 -30.31 3.48
N TRP A 238 -39.42 -29.11 2.89
CA TRP A 238 -40.32 -27.99 3.11
C TRP A 238 -41.70 -28.40 2.60
N GLN A 239 -41.74 -28.97 1.41
CA GLN A 239 -43.02 -29.35 0.82
C GLN A 239 -43.74 -30.40 1.71
N ALA A 240 -42.97 -31.35 2.23
CA ALA A 240 -43.46 -32.41 3.12
C ALA A 240 -44.02 -31.89 4.46
N SER A 241 -43.51 -30.76 4.94
CA SER A 241 -44.01 -30.08 6.16
C SER A 241 -45.27 -29.24 6.01
N VAL A 242 -45.61 -28.89 4.76
CA VAL A 242 -46.82 -28.12 4.44
C VAL A 242 -48.06 -29.05 4.43
N LEU A 243 -49.11 -28.71 5.16
CA LEU A 243 -50.29 -29.58 5.21
C LEU A 243 -51.22 -29.35 3.99
N ASP A 244 -51.94 -30.41 3.65
CA ASP A 244 -53.00 -30.40 2.63
C ASP A 244 -52.43 -30.12 1.24
N TRP A 245 -51.24 -30.65 0.93
CA TRP A 245 -50.61 -30.36 -0.33
C TRP A 245 -51.56 -30.84 -1.44
N GLU A 246 -51.71 -30.04 -2.49
CA GLU A 246 -52.39 -30.45 -3.72
C GLU A 246 -51.54 -30.23 -4.94
N GLY A 247 -51.58 -31.19 -5.85
CA GLY A 247 -50.91 -31.05 -7.13
C GLY A 247 -49.51 -31.61 -7.04
N ASP A 248 -48.74 -31.44 -8.11
CA ASP A 248 -47.42 -32.08 -8.23
C ASP A 248 -46.38 -31.52 -7.26
N ASP A 249 -45.34 -32.33 -7.02
CA ASP A 249 -44.15 -31.89 -6.27
C ASP A 249 -43.58 -30.67 -6.91
N ILE A 250 -43.11 -29.75 -6.09
CA ILE A 250 -42.45 -28.59 -6.60
C ILE A 250 -41.25 -28.91 -7.51
N LEU A 251 -40.53 -30.00 -7.23
CA LEU A 251 -39.35 -30.38 -8.00
C LEU A 251 -39.70 -30.93 -9.38
N ASP A 252 -40.99 -31.04 -9.70
CA ASP A 252 -41.38 -31.39 -11.05
C ASP A 252 -41.04 -30.28 -12.05
N ARG A 253 -41.14 -29.04 -11.58
CA ARG A 253 -40.96 -27.88 -12.43
C ARG A 253 -39.90 -26.88 -11.96
N SER A 254 -39.54 -26.90 -10.68
CA SER A 254 -38.71 -25.86 -10.11
C SER A 254 -37.53 -26.48 -9.39
N SER A 255 -36.46 -25.72 -9.16
CA SER A 255 -35.33 -26.20 -8.35
C SER A 255 -34.65 -25.12 -7.49
N GLU A 256 -35.35 -24.00 -7.26
CA GLU A 256 -34.82 -22.85 -6.56
C GLU A 256 -35.96 -21.95 -6.02
N LEU A 257 -35.98 -21.79 -4.70
CA LEU A 257 -36.66 -20.71 -4.01
C LEU A 257 -35.96 -19.37 -4.21
N ILE A 258 -36.67 -18.43 -4.79
CA ILE A 258 -36.10 -17.14 -5.12
C ILE A 258 -36.40 -16.13 -4.03
N TYR A 259 -37.60 -16.18 -3.50
CA TYR A 259 -38.07 -15.23 -2.50
C TYR A 259 -39.36 -15.73 -1.85
N THR A 260 -39.59 -15.23 -0.64
CA THR A 260 -40.75 -15.59 0.13
C THR A 260 -41.05 -14.48 1.13
N GLY A 261 -42.34 -14.23 1.33
CA GLY A 261 -42.82 -13.49 2.49
C GLY A 261 -44.31 -13.37 2.44
N GLU A 262 -44.82 -12.38 3.15
CA GLU A 262 -46.24 -12.30 3.45
C GLU A 262 -46.85 -11.14 2.69
N MET A 263 -47.91 -11.41 1.95
CA MET A 263 -48.63 -10.36 1.23
C MET A 263 -50.12 -10.62 1.38
N ALA A 264 -50.93 -9.59 1.27
CA ALA A 264 -52.37 -9.77 1.08
C ALA A 264 -52.60 -9.95 -0.42
N TRP A 265 -53.69 -10.59 -0.82
CA TRP A 265 -54.05 -10.64 -2.25
C TRP A 265 -55.55 -10.84 -2.48
N ILE A 266 -55.96 -10.47 -3.70
CA ILE A 266 -57.34 -10.65 -4.17
C ILE A 266 -57.28 -11.46 -5.46
N TYR A 267 -57.90 -12.65 -5.44
CA TYR A 267 -57.82 -13.60 -6.54
C TYR A 267 -58.58 -13.09 -7.78
N GLN A 268 -59.71 -12.42 -7.54
CA GLN A 268 -60.62 -12.00 -8.62
C GLN A 268 -61.26 -10.65 -8.22
N PRO A 269 -61.59 -9.81 -9.19
CA PRO A 269 -62.27 -8.54 -8.91
C PRO A 269 -63.52 -8.68 -8.01
N TYR A 270 -63.60 -7.82 -7.00
CA TYR A 270 -64.69 -7.86 -6.01
C TYR A 270 -64.55 -9.03 -4.99
N GLY A 271 -63.51 -9.84 -5.13
CA GLY A 271 -63.24 -10.91 -4.20
C GLY A 271 -62.77 -10.43 -2.82
N ARG A 272 -62.74 -11.38 -1.89
CA ARG A 272 -62.21 -11.14 -0.55
C ARG A 272 -60.66 -11.08 -0.58
N ASN A 273 -60.15 -10.07 0.12
CA ASN A 273 -58.74 -9.90 0.45
C ASN A 273 -58.35 -10.96 1.47
N GLN A 274 -57.45 -11.89 1.12
CA GLN A 274 -56.89 -12.90 2.04
C GLN A 274 -55.38 -12.59 2.32
N GLN A 275 -54.92 -12.80 3.55
CA GLN A 275 -53.50 -12.72 3.87
C GLN A 275 -52.86 -14.10 3.66
N ARG A 276 -51.79 -14.14 2.87
CA ARG A 276 -51.08 -15.39 2.54
C ARG A 276 -49.53 -15.27 2.64
N VAL A 277 -48.84 -16.41 2.72
CA VAL A 277 -47.38 -16.49 2.65
C VAL A 277 -47.09 -17.06 1.27
N PHE A 278 -46.35 -16.30 0.46
CA PHE A 278 -46.01 -16.67 -0.92
C PHE A 278 -44.59 -17.13 -1.01
N PHE A 279 -44.41 -18.18 -1.82
CA PHE A 279 -43.13 -18.80 -2.10
C PHE A 279 -42.91 -18.79 -3.63
N LEU A 280 -42.01 -17.90 -4.07
CA LEU A 280 -41.65 -17.80 -5.48
C LEU A 280 -40.53 -18.77 -5.83
N PHE A 281 -40.84 -19.82 -6.56
CA PHE A 281 -39.78 -20.60 -7.20
C PHE A 281 -39.70 -20.27 -8.71
N ASP A 282 -38.62 -20.70 -9.35
CA ASP A 282 -38.57 -20.66 -10.83
C ASP A 282 -39.76 -21.42 -11.40
N HIS A 283 -40.50 -20.74 -12.28
CA HIS A 283 -41.68 -21.27 -12.99
C HIS A 283 -43.03 -21.14 -12.22
N GLN A 284 -43.02 -21.04 -10.89
CA GLN A 284 -44.27 -21.11 -10.11
C GLN A 284 -44.22 -20.46 -8.70
N MET A 285 -45.33 -19.87 -8.29
CA MET A 285 -45.46 -19.23 -6.99
C MET A 285 -46.53 -19.96 -6.18
N VAL A 286 -46.15 -20.51 -5.05
CA VAL A 286 -47.06 -21.24 -4.19
C VAL A 286 -47.55 -20.28 -3.12
N LEU A 287 -48.79 -20.42 -2.73
CA LEU A 287 -49.33 -19.64 -1.61
C LEU A 287 -49.85 -20.54 -0.52
N CYS A 288 -49.62 -20.13 0.71
CA CYS A 288 -50.06 -20.87 1.91
C CYS A 288 -50.66 -19.92 2.94
N LYS A 289 -51.41 -20.49 3.89
CA LYS A 289 -51.99 -19.77 5.01
C LYS A 289 -51.37 -20.32 6.28
N LYS A 290 -50.92 -19.43 7.18
CA LYS A 290 -50.52 -19.85 8.50
C LYS A 290 -51.78 -20.20 9.31
N ASP A 291 -51.70 -21.27 10.09
CA ASP A 291 -52.67 -21.58 11.14
C ASP A 291 -52.79 -20.36 12.07
N LEU A 292 -54.00 -20.11 12.56
CA LEU A 292 -54.27 -18.93 13.38
C LEU A 292 -53.53 -18.95 14.73
N ILE A 293 -53.34 -20.15 15.30
CA ILE A 293 -52.68 -20.36 16.61
C ILE A 293 -51.21 -20.77 16.49
N ARG A 294 -50.95 -21.73 15.60
CA ARG A 294 -49.67 -22.40 15.54
C ARG A 294 -48.96 -21.86 14.32
N ARG A 295 -48.15 -20.82 14.53
CA ARG A 295 -47.71 -19.92 13.43
C ARG A 295 -46.70 -20.60 12.53
N ASP A 296 -46.05 -21.65 13.02
CA ASP A 296 -45.15 -22.48 12.20
C ASP A 296 -45.84 -23.55 11.29
N ILE A 297 -47.16 -23.65 11.35
CA ILE A 297 -47.91 -24.63 10.55
C ILE A 297 -48.48 -23.90 9.33
N LEU A 298 -48.17 -24.38 8.13
CA LEU A 298 -48.68 -23.79 6.89
C LEU A 298 -49.62 -24.72 6.14
N TYR A 299 -50.64 -24.15 5.51
CA TYR A 299 -51.64 -24.91 4.77
C TYR A 299 -51.51 -24.56 3.32
N TYR A 300 -51.38 -25.56 2.44
CA TYR A 300 -51.34 -25.30 1.00
C TYR A 300 -52.65 -24.64 0.57
N LYS A 301 -52.52 -23.54 -0.18
CA LYS A 301 -53.70 -22.84 -0.70
C LYS A 301 -53.71 -22.64 -2.25
N GLY A 302 -52.71 -23.14 -2.95
CA GLY A 302 -52.73 -23.09 -4.41
C GLY A 302 -51.39 -22.60 -4.93
N ARG A 303 -51.39 -22.25 -6.21
CA ARG A 303 -50.20 -21.83 -6.87
C ARG A 303 -50.51 -21.13 -8.19
N ILE A 304 -49.58 -20.28 -8.61
CA ILE A 304 -49.70 -19.48 -9.84
C ILE A 304 -48.58 -19.92 -10.77
N ASP A 305 -48.93 -20.27 -12.01
CA ASP A 305 -47.92 -20.64 -12.98
C ASP A 305 -47.25 -19.41 -13.61
N MET A 306 -46.04 -19.08 -13.16
CA MET A 306 -45.39 -17.85 -13.56
C MET A 306 -45.06 -17.73 -15.06
N ASP A 307 -44.84 -18.84 -15.78
CA ASP A 307 -44.77 -18.86 -17.29
C ASP A 307 -45.93 -18.16 -18.05
N LYS A 308 -47.13 -18.23 -17.46
CA LYS A 308 -48.36 -17.64 -17.99
C LYS A 308 -48.66 -16.21 -17.47
N TYR A 309 -47.91 -15.69 -16.51
CA TYR A 309 -48.22 -14.40 -15.87
C TYR A 309 -47.16 -13.30 -16.12
N GLU A 310 -47.63 -12.12 -16.52
CA GLU A 310 -46.82 -10.91 -16.57
C GLU A 310 -47.02 -10.14 -15.29
N VAL A 311 -45.99 -9.40 -14.88
CA VAL A 311 -46.09 -8.56 -13.72
C VAL A 311 -46.39 -7.14 -14.16
N ILE A 312 -47.62 -6.66 -13.93
CA ILE A 312 -47.93 -5.23 -14.11
C ILE A 312 -47.69 -4.47 -12.80
N ASP A 313 -46.82 -3.47 -12.84
CA ASP A 313 -46.56 -2.61 -11.69
C ASP A 313 -47.63 -1.53 -11.60
N ILE A 314 -48.38 -1.53 -10.50
CA ILE A 314 -49.54 -0.63 -10.36
C ILE A 314 -49.17 0.53 -9.46
N GLU A 315 -49.65 1.69 -9.84
CA GLU A 315 -49.31 2.93 -9.16
C GLU A 315 -50.36 3.28 -8.11
N ASP A 316 -49.91 3.88 -7.01
CA ASP A 316 -50.74 4.24 -5.86
C ASP A 316 -52.03 5.02 -6.22
N GLY A 317 -53.05 4.90 -5.36
CA GLY A 317 -54.31 5.59 -5.55
C GLY A 317 -55.51 4.66 -5.53
N ARG A 318 -56.23 4.58 -6.66
CA ARG A 318 -57.50 3.86 -6.74
C ARG A 318 -57.59 3.07 -8.05
N ASP A 319 -58.21 1.90 -7.97
CA ASP A 319 -58.10 0.85 -8.97
C ASP A 319 -59.43 0.70 -9.72
N ASP A 320 -59.36 0.52 -11.04
CA ASP A 320 -60.54 0.34 -11.88
C ASP A 320 -61.12 -1.08 -11.79
N ASP A 321 -62.45 -1.16 -11.71
CA ASP A 321 -63.20 -2.40 -11.44
C ASP A 321 -62.46 -3.69 -11.84
N PHE A 322 -61.66 -4.36 -10.98
CA PHE A 322 -61.30 -4.15 -9.53
C PHE A 322 -61.99 -3.28 -8.46
N ASN A 323 -61.95 -1.96 -8.58
CA ASN A 323 -62.74 -1.05 -7.69
C ASN A 323 -62.35 -1.09 -6.20
N VAL A 324 -61.06 -1.05 -5.89
CA VAL A 324 -60.61 -0.85 -4.51
C VAL A 324 -59.67 0.35 -4.45
N SER A 325 -59.14 0.62 -3.27
CA SER A 325 -58.06 1.59 -3.11
C SER A 325 -56.79 0.81 -2.75
N MET A 326 -55.63 1.48 -2.88
CA MET A 326 -54.34 0.79 -2.94
C MET A 326 -53.15 1.57 -2.37
N LYS A 327 -52.40 0.92 -1.49
CA LYS A 327 -51.06 1.36 -1.09
C LYS A 327 -50.09 0.15 -1.18
N ASN A 328 -49.02 0.31 -1.98
CA ASN A 328 -48.00 -0.71 -2.19
C ASN A 328 -48.57 -1.91 -2.92
N ALA A 329 -48.86 -1.71 -4.20
CA ALA A 329 -49.64 -2.66 -4.97
C ALA A 329 -49.10 -2.94 -6.35
N PHE A 330 -49.27 -4.20 -6.76
CA PHE A 330 -49.00 -4.65 -8.12
C PHE A 330 -49.91 -5.83 -8.50
N LYS A 331 -49.81 -6.26 -9.75
CA LYS A 331 -50.85 -7.01 -10.40
C LYS A 331 -50.17 -8.10 -11.21
N LEU A 332 -50.84 -9.24 -11.38
CA LEU A 332 -50.34 -10.29 -12.26
C LEU A 332 -51.42 -10.60 -13.30
N HIS A 333 -51.19 -10.19 -14.55
CA HIS A 333 -52.12 -10.43 -15.67
C HIS A 333 -51.72 -11.75 -16.34
N ASN A 334 -52.72 -12.52 -16.77
CA ASN A 334 -52.48 -13.70 -17.61
C ASN A 334 -52.14 -13.20 -19.02
N LYS A 335 -51.19 -13.85 -19.70
CA LYS A 335 -50.76 -13.37 -21.02
C LYS A 335 -51.93 -13.52 -22.01
N GLU A 336 -52.43 -14.75 -22.17
CA GLU A 336 -53.46 -15.07 -23.18
C GLU A 336 -54.93 -14.78 -22.80
N THR A 337 -55.25 -14.82 -21.50
CA THR A 337 -56.62 -14.61 -20.94
C THR A 337 -56.80 -13.19 -20.38
N GLU A 338 -57.99 -12.89 -19.85
CA GLU A 338 -58.24 -11.64 -19.13
C GLU A 338 -58.05 -11.78 -17.57
N GLU A 339 -57.54 -12.94 -17.13
CA GLU A 339 -57.29 -13.26 -15.69
C GLU A 339 -56.35 -12.29 -14.96
N VAL A 340 -56.66 -11.93 -13.74
CA VAL A 340 -55.90 -10.88 -13.06
C VAL A 340 -56.03 -10.93 -11.54
N HIS A 341 -54.89 -10.75 -10.86
CA HIS A 341 -54.73 -10.92 -9.42
C HIS A 341 -54.06 -9.67 -8.84
N LEU A 342 -54.59 -9.15 -7.73
CA LEU A 342 -54.03 -7.96 -7.08
C LEU A 342 -53.25 -8.35 -5.83
N PHE A 343 -52.05 -7.81 -5.65
CA PHE A 343 -51.20 -8.07 -4.49
C PHE A 343 -50.91 -6.77 -3.73
N PHE A 344 -50.78 -6.87 -2.40
CA PHE A 344 -50.54 -5.72 -1.54
C PHE A 344 -49.44 -6.03 -0.54
N ALA A 345 -48.26 -5.44 -0.69
CA ALA A 345 -47.26 -5.49 0.38
C ALA A 345 -47.54 -4.36 1.37
N LYS A 346 -46.96 -4.45 2.57
CA LYS A 346 -47.17 -3.42 3.60
C LYS A 346 -46.29 -2.20 3.34
N LYS A 347 -44.98 -2.35 3.49
CA LYS A 347 -44.01 -1.26 3.23
C LYS A 347 -43.76 -1.07 1.71
N LEU A 348 -43.11 0.04 1.34
CA LEU A 348 -42.59 0.22 -0.04
C LEU A 348 -41.40 -0.73 -0.30
N GLU A 349 -40.48 -0.77 0.66
CA GLU A 349 -39.38 -1.75 0.73
C GLU A 349 -39.78 -3.16 0.23
N GLU A 350 -41.00 -3.57 0.56
CA GLU A 350 -41.50 -4.93 0.26
C GLU A 350 -42.09 -5.11 -1.15
N LYS A 351 -42.86 -4.14 -1.65
CA LYS A 351 -43.25 -4.08 -3.07
C LYS A 351 -42.02 -4.15 -3.98
N ILE A 352 -41.02 -3.33 -3.68
CA ILE A 352 -39.80 -3.31 -4.49
C ILE A 352 -39.13 -4.72 -4.45
N ARG A 353 -38.94 -5.26 -3.25
CA ARG A 353 -38.25 -6.56 -3.10
C ARG A 353 -38.91 -7.67 -3.92
N TRP A 354 -40.24 -7.61 -4.04
CA TRP A 354 -41.03 -8.58 -4.79
C TRP A 354 -40.89 -8.38 -6.30
N LEU A 355 -40.92 -7.14 -6.75
CA LEU A 355 -40.71 -6.84 -8.17
C LEU A 355 -39.34 -7.32 -8.63
N ARG A 356 -38.33 -7.23 -7.76
CA ARG A 356 -36.99 -7.72 -8.13
C ARG A 356 -37.09 -9.26 -8.25
N ALA A 357 -37.67 -9.87 -7.23
CA ALA A 357 -37.86 -11.34 -7.20
C ALA A 357 -38.64 -11.95 -8.41
N PHE A 358 -39.52 -11.14 -9.00
CA PHE A 358 -40.20 -11.46 -10.27
C PHE A 358 -39.33 -11.26 -11.52
N ARG A 359 -38.60 -10.15 -11.60
CA ARG A 359 -37.63 -9.96 -12.69
C ARG A 359 -36.66 -11.16 -12.58
N GLU A 360 -36.27 -11.46 -11.33
CA GLU A 360 -35.25 -12.48 -11.03
C GLU A 360 -35.67 -13.89 -11.44
N GLU A 361 -36.98 -14.18 -11.37
CA GLU A 361 -37.42 -15.54 -11.74
C GLU A 361 -37.60 -15.70 -13.25
N ARG A 362 -38.12 -14.67 -13.91
CA ARG A 362 -37.99 -14.52 -15.40
C ARG A 362 -36.53 -14.65 -15.88
N LYS A 363 -35.60 -14.01 -15.18
CA LYS A 363 -34.18 -14.01 -15.57
C LYS A 363 -33.63 -15.43 -15.44
N MET A 364 -33.91 -16.07 -14.31
CA MET A 364 -33.36 -17.40 -14.03
C MET A 364 -33.91 -18.45 -15.01
N VAL A 365 -35.18 -18.27 -15.40
CA VAL A 365 -35.86 -19.18 -16.32
C VAL A 365 -35.25 -19.10 -17.73
N GLN A 366 -34.90 -17.90 -18.20
CA GLN A 366 -34.34 -17.69 -19.54
C GLN A 366 -32.97 -18.32 -19.64
N GLU A 367 -32.09 -17.97 -18.69
CA GLU A 367 -30.74 -18.53 -18.55
C GLU A 367 -30.74 -20.06 -18.46
N ASP A 368 -31.75 -20.65 -17.82
CA ASP A 368 -31.78 -22.09 -17.57
C ASP A 368 -32.14 -22.87 -18.81
N GLU A 369 -33.26 -22.53 -19.43
CA GLU A 369 -33.67 -23.11 -20.71
C GLU A 369 -32.61 -22.86 -21.82
N LYS A 370 -31.90 -21.73 -21.74
CA LYS A 370 -30.82 -21.37 -22.69
C LYS A 370 -29.61 -22.31 -22.56
N ILE A 371 -29.35 -22.73 -21.32
CA ILE A 371 -28.19 -23.52 -20.96
C ILE A 371 -28.56 -25.01 -20.86
N GLY A 372 -29.86 -25.29 -21.00
CA GLY A 372 -30.40 -26.61 -20.71
C GLY A 372 -30.06 -27.10 -19.30
N PHE A 373 -30.37 -26.33 -18.25
CA PHE A 373 -30.06 -26.76 -16.89
C PHE A 373 -31.25 -27.54 -16.38
N GLU A 374 -31.11 -28.86 -16.38
CA GLU A 374 -32.16 -29.74 -15.85
C GLU A 374 -31.71 -30.05 -14.46
N ILE A 375 -32.60 -30.64 -13.70
CA ILE A 375 -32.29 -31.21 -12.41
C ILE A 375 -32.33 -32.71 -12.64
N SER A 376 -31.31 -33.42 -12.18
CA SER A 376 -31.13 -34.82 -12.55
C SER A 376 -32.27 -35.67 -12.04
N GLU A 377 -32.37 -36.87 -12.62
CA GLU A 377 -33.39 -37.82 -12.21
C GLU A 377 -33.00 -38.41 -10.86
N ASN A 378 -31.76 -38.87 -10.72
CA ASN A 378 -31.30 -39.38 -9.43
C ASN A 378 -31.18 -38.28 -8.35
N GLN A 379 -31.11 -37.01 -8.75
CA GLN A 379 -31.15 -35.90 -7.79
C GLN A 379 -32.54 -35.84 -7.14
N LYS A 380 -33.58 -36.02 -7.95
CA LYS A 380 -34.95 -36.06 -7.43
C LYS A 380 -35.11 -37.27 -6.50
N ARG A 381 -34.61 -38.43 -6.92
CA ARG A 381 -34.67 -39.68 -6.11
C ARG A 381 -33.91 -39.57 -4.78
N GLN A 382 -32.89 -38.73 -4.71
CA GLN A 382 -32.12 -38.52 -3.48
C GLN A 382 -32.91 -37.64 -2.52
N ALA A 383 -33.44 -36.55 -3.05
CA ALA A 383 -34.18 -35.55 -2.28
C ALA A 383 -35.41 -36.19 -1.68
N ALA A 384 -36.14 -36.91 -2.52
CA ALA A 384 -37.37 -37.60 -2.14
C ALA A 384 -37.14 -38.77 -1.18
N MET A 385 -35.93 -39.36 -1.21
CA MET A 385 -35.57 -40.41 -0.25
C MET A 385 -35.42 -39.81 1.15
N THR A 386 -34.86 -38.59 1.24
CA THR A 386 -34.77 -37.85 2.52
C THR A 386 -36.12 -37.63 3.24
N VAL A 387 -37.20 -37.50 2.47
CA VAL A 387 -38.55 -37.37 3.06
C VAL A 387 -39.01 -38.67 3.74
N ARG A 388 -38.72 -39.82 3.13
CA ARG A 388 -39.01 -41.13 3.74
C ARG A 388 -38.12 -41.50 4.94
N LYS A 389 -37.05 -40.73 5.19
CA LYS A 389 -36.24 -40.85 6.43
C LYS A 389 -36.97 -40.33 7.68
N ALA A 390 -37.64 -39.18 7.55
CA ALA A 390 -38.48 -38.64 8.61
C ALA A 390 -39.92 -39.10 8.42
N SER A 391 -40.11 -40.43 8.36
CA SER A 391 -41.42 -41.12 8.26
C SER A 391 -42.41 -40.63 7.16
N LYS A 392 -42.63 -41.47 6.14
CA LYS A 392 -43.59 -41.18 5.06
C LYS A 392 -43.14 -39.99 4.23
N MET B 4 5.03 -38.71 9.34
CA MET B 4 5.45 -37.44 10.06
C MET B 4 4.23 -36.55 10.29
N GLN B 5 3.85 -36.33 11.54
CA GLN B 5 2.55 -35.75 11.84
C GLN B 5 2.40 -34.26 11.46
N THR B 6 1.18 -33.92 11.08
CA THR B 6 0.86 -32.62 10.52
C THR B 6 -0.10 -31.87 11.41
N ILE B 7 -0.03 -30.58 11.29
CA ILE B 7 -0.99 -29.68 11.87
C ILE B 7 -1.51 -28.82 10.73
N LYS B 8 -2.79 -28.93 10.39
CA LYS B 8 -3.38 -28.07 9.37
C LYS B 8 -4.01 -26.88 10.10
N CYS B 9 -3.55 -25.71 9.77
CA CYS B 9 -4.00 -24.50 10.39
C CYS B 9 -4.62 -23.57 9.33
N VAL B 10 -5.92 -23.26 9.50
CA VAL B 10 -6.68 -22.46 8.55
C VAL B 10 -7.06 -21.10 9.17
N VAL B 11 -6.78 -20.03 8.45
CA VAL B 11 -6.98 -18.66 8.85
C VAL B 11 -8.24 -18.12 8.21
N VAL B 12 -9.21 -17.75 9.03
CA VAL B 12 -10.51 -17.28 8.55
C VAL B 12 -10.85 -15.93 9.16
N GLY B 13 -11.78 -15.24 8.54
CA GLY B 13 -12.18 -13.93 9.00
C GLY B 13 -12.53 -13.05 7.84
N ASP B 14 -12.95 -11.83 8.14
CA ASP B 14 -13.44 -10.91 7.14
C ASP B 14 -12.35 -10.53 6.17
N GLY B 15 -12.80 -10.06 5.03
CA GLY B 15 -11.88 -9.54 4.01
C GLY B 15 -11.16 -8.30 4.48
N ALA B 16 -9.95 -8.09 3.99
CA ALA B 16 -9.20 -6.85 4.33
C ALA B 16 -8.88 -6.70 5.80
N VAL B 17 -8.78 -7.79 6.56
CA VAL B 17 -8.26 -7.65 7.90
C VAL B 17 -6.77 -8.05 8.00
N GLY B 18 -6.17 -8.37 6.88
CA GLY B 18 -4.75 -8.67 6.86
C GLY B 18 -4.41 -10.12 7.08
N LYS B 19 -5.36 -11.02 6.85
CA LYS B 19 -5.13 -12.50 6.84
C LYS B 19 -3.92 -12.93 6.05
N THR B 20 -3.83 -12.46 4.82
CA THR B 20 -2.77 -12.93 3.98
C THR B 20 -1.44 -12.26 4.32
N CYS B 21 -1.49 -10.99 4.71
CA CYS B 21 -0.30 -10.27 5.15
C CYS B 21 0.34 -10.95 6.30
N LEU B 22 -0.49 -11.42 7.21
CA LEU B 22 -0.05 -12.16 8.38
C LEU B 22 0.73 -13.46 8.03
N LEU B 23 0.18 -14.21 7.08
CA LEU B 23 0.76 -15.47 6.66
C LEU B 23 2.04 -15.20 5.94
N ILE B 24 2.02 -14.21 5.07
CA ILE B 24 3.21 -13.83 4.30
C ILE B 24 4.30 -13.38 5.24
N SER B 25 3.97 -12.59 6.23
CA SER B 25 4.99 -12.00 7.08
C SER B 25 5.51 -13.07 8.03
N TYR B 26 4.71 -14.07 8.42
CA TYR B 26 5.23 -15.17 9.26
C TYR B 26 6.21 -16.08 8.51
N THR B 27 5.95 -16.36 7.23
CA THR B 27 6.69 -17.35 6.46
C THR B 27 7.81 -16.80 5.57
N THR B 28 7.95 -15.50 5.41
CA THR B 28 9.05 -14.96 4.62
C THR B 28 9.88 -13.99 5.48
N ASN B 29 11.04 -13.54 5.03
CA ASN B 29 11.63 -12.54 5.85
C ASN B 29 11.93 -11.24 5.11
N LYS B 30 10.85 -10.56 4.74
CA LYS B 30 10.92 -9.40 3.87
C LYS B 30 11.26 -8.12 4.64
N PHE B 31 11.95 -7.22 3.99
CA PHE B 31 11.96 -5.85 4.46
C PHE B 31 10.55 -5.30 4.37
N PRO B 32 10.13 -4.45 5.29
CA PRO B 32 8.81 -3.89 5.22
C PRO B 32 8.53 -3.01 3.97
N SER B 33 9.52 -2.39 3.35
CA SER B 33 9.29 -1.68 2.09
C SER B 33 9.00 -2.58 0.83
N GLU B 34 9.22 -3.89 0.93
CA GLU B 34 9.02 -4.69 -0.23
C GLU B 34 7.52 -4.93 -0.47
N TYR B 35 7.21 -5.24 -1.71
CA TYR B 35 5.86 -5.47 -2.14
C TYR B 35 5.30 -6.69 -1.46
N VAL B 36 4.07 -6.59 -1.03
CA VAL B 36 3.38 -7.72 -0.36
C VAL B 36 2.30 -8.28 -1.29
N PRO B 37 2.49 -9.50 -1.77
CA PRO B 37 1.49 -10.16 -2.62
C PRO B 37 0.09 -10.13 -1.99
N THR B 38 -0.89 -10.12 -2.85
CA THR B 38 -2.29 -10.15 -2.45
C THR B 38 -2.78 -11.60 -2.15
N VAL B 39 -1.96 -12.56 -2.51
CA VAL B 39 -2.24 -13.97 -2.54
C VAL B 39 -1.15 -14.76 -1.80
N PHE B 40 -1.56 -15.75 -1.02
CA PHE B 40 -0.66 -16.64 -0.30
C PHE B 40 -0.98 -18.11 -0.69
N ASP B 41 -0.02 -18.79 -1.28
CA ASP B 41 -0.17 -20.22 -1.59
C ASP B 41 0.03 -21.12 -0.36
N ASN B 42 -0.72 -22.21 -0.31
CA ASN B 42 -0.58 -23.20 0.79
C ASN B 42 0.92 -23.50 1.07
N TYR B 43 1.29 -23.44 2.34
CA TYR B 43 2.68 -23.44 2.79
C TYR B 43 2.87 -24.49 3.85
N ALA B 44 3.96 -25.23 3.74
CA ALA B 44 4.35 -26.23 4.75
C ALA B 44 5.63 -25.79 5.41
N VAL B 45 5.73 -25.94 6.73
CA VAL B 45 7.06 -25.84 7.38
C VAL B 45 7.20 -26.73 8.57
N THR B 46 8.41 -27.20 8.77
CA THR B 46 8.75 -28.05 9.87
C THR B 46 8.92 -27.18 11.09
N VAL B 47 8.26 -27.58 12.17
CA VAL B 47 8.39 -26.98 13.47
C VAL B 47 8.74 -28.09 14.44
N MET B 48 9.52 -27.76 15.46
CA MET B 48 9.96 -28.77 16.43
C MET B 48 9.21 -28.57 17.75
N ILE B 49 8.65 -29.66 18.26
CA ILE B 49 8.08 -29.63 19.61
C ILE B 49 8.21 -30.93 20.30
N GLY B 50 8.70 -30.86 21.54
CA GLY B 50 9.09 -32.04 22.27
C GLY B 50 10.21 -32.67 21.50
N GLY B 51 11.06 -31.86 20.87
CA GLY B 51 12.26 -32.39 20.23
C GLY B 51 12.00 -33.32 19.05
N GLU B 52 10.74 -33.22 18.53
CA GLU B 52 10.24 -34.02 17.42
C GLU B 52 9.68 -33.09 16.32
N PRO B 53 9.96 -33.42 15.06
CA PRO B 53 9.52 -32.56 13.96
C PRO B 53 8.01 -32.71 13.60
N TYR B 54 7.33 -31.60 13.37
CA TYR B 54 5.95 -31.65 12.88
C TYR B 54 5.91 -30.79 11.67
N THR B 55 5.04 -31.11 10.72
CA THR B 55 4.82 -30.21 9.57
C THR B 55 3.62 -29.38 9.89
N LEU B 56 3.79 -28.08 9.85
CA LEU B 56 2.70 -27.14 10.00
C LEU B 56 2.25 -26.75 8.58
N GLY B 57 0.99 -26.99 8.26
CA GLY B 57 0.42 -26.64 6.98
C GLY B 57 -0.48 -25.40 7.18
N LEU B 58 -0.22 -24.35 6.43
CA LEU B 58 -0.87 -23.04 6.57
C LEU B 58 -1.70 -22.82 5.33
N PHE B 59 -2.97 -22.53 5.55
CA PHE B 59 -3.97 -22.31 4.52
C PHE B 59 -4.67 -20.96 4.76
N ASP B 60 -4.65 -20.08 3.76
CA ASP B 60 -5.40 -18.81 3.73
C ASP B 60 -6.78 -19.07 3.16
N THR B 61 -7.73 -18.18 3.40
CA THR B 61 -9.08 -18.29 2.85
C THR B 61 -9.48 -16.98 2.11
N ALA B 62 -8.49 -16.21 1.67
CA ALA B 62 -8.72 -14.88 1.11
C ALA B 62 -9.56 -14.95 -0.12
N GLY B 63 -10.45 -13.98 -0.22
CA GLY B 63 -11.38 -13.87 -1.32
C GLY B 63 -12.62 -14.75 -1.17
N GLN B 64 -12.68 -15.58 -0.12
CA GLN B 64 -13.79 -16.51 0.06
C GLN B 64 -14.91 -16.01 0.94
N GLU B 65 -14.81 -14.75 1.40
CA GLU B 65 -15.64 -14.21 2.49
C GLU B 65 -17.14 -14.05 2.13
N ASP B 66 -17.43 -13.90 0.86
CA ASP B 66 -18.81 -13.79 0.39
C ASP B 66 -19.39 -15.03 -0.25
N TYR B 67 -18.65 -16.16 -0.19
CA TYR B 67 -19.00 -17.40 -0.87
C TYR B 67 -19.25 -18.51 0.16
N ASP B 68 -20.47 -18.54 0.67
CA ASP B 68 -20.72 -19.37 1.86
C ASP B 68 -20.71 -20.87 1.56
N ARG B 69 -20.93 -21.25 0.31
CA ARG B 69 -20.86 -22.63 -0.04
C ARG B 69 -19.47 -23.08 -0.54
N LEU B 70 -18.54 -22.17 -0.77
CA LEU B 70 -17.18 -22.58 -1.13
C LEU B 70 -16.26 -22.65 0.07
N ARG B 71 -16.50 -21.75 1.05
CA ARG B 71 -15.68 -21.67 2.25
C ARG B 71 -15.47 -22.98 2.93
N PRO B 72 -16.52 -23.77 3.12
CA PRO B 72 -16.39 -25.01 3.91
C PRO B 72 -15.53 -26.07 3.29
N LEU B 73 -15.22 -25.95 1.99
CA LEU B 73 -14.36 -26.90 1.33
C LEU B 73 -12.96 -26.87 1.94
N SER B 74 -12.61 -25.76 2.56
CA SER B 74 -11.29 -25.70 3.22
C SER B 74 -11.21 -26.35 4.60
N TYR B 75 -12.36 -26.66 5.19
CA TYR B 75 -12.39 -27.00 6.61
C TYR B 75 -11.99 -28.46 6.99
N PRO B 76 -12.34 -29.49 6.22
CA PRO B 76 -11.89 -30.87 6.54
C PRO B 76 -10.41 -30.99 6.87
N GLN B 77 -10.09 -31.80 7.87
CA GLN B 77 -8.72 -32.07 8.29
C GLN B 77 -8.05 -30.92 9.06
N THR B 78 -8.79 -29.85 9.33
CA THR B 78 -8.27 -28.77 10.15
C THR B 78 -8.02 -29.20 11.61
N ASP B 79 -6.85 -28.88 12.14
CA ASP B 79 -6.53 -29.12 13.57
C ASP B 79 -6.66 -27.85 14.43
N VAL B 80 -6.54 -26.69 13.81
CA VAL B 80 -6.70 -25.43 14.51
C VAL B 80 -7.05 -24.34 13.52
N PHE B 81 -7.96 -23.47 13.94
CA PHE B 81 -8.37 -22.28 13.18
C PHE B 81 -7.87 -21.05 13.87
N LEU B 82 -7.38 -20.11 13.08
CA LEU B 82 -7.20 -18.75 13.53
C LEU B 82 -8.35 -17.87 13.04
N VAL B 83 -9.13 -17.36 13.99
CA VAL B 83 -10.29 -16.52 13.65
C VAL B 83 -9.83 -15.09 13.81
N CYS B 84 -9.61 -14.41 12.71
CA CYS B 84 -8.95 -13.11 12.64
C CYS B 84 -9.98 -12.03 12.54
N PHE B 85 -9.75 -10.95 13.26
CA PHE B 85 -10.36 -9.65 12.98
C PHE B 85 -9.28 -8.55 13.06
N SER B 86 -9.54 -7.40 12.45
CA SER B 86 -8.68 -6.25 12.67
C SER B 86 -9.13 -5.44 13.93
N VAL B 87 -8.17 -5.09 14.78
CA VAL B 87 -8.43 -4.26 15.95
C VAL B 87 -8.84 -2.84 15.56
N VAL B 88 -8.56 -2.40 14.34
CA VAL B 88 -9.11 -1.17 13.82
C VAL B 88 -10.35 -1.33 12.91
N SER B 89 -11.07 -2.45 12.97
CA SER B 89 -12.32 -2.63 12.21
C SER B 89 -13.34 -3.30 13.11
N PRO B 90 -14.14 -2.45 13.77
CA PRO B 90 -15.22 -2.95 14.63
C PRO B 90 -16.22 -3.89 13.91
N SER B 91 -16.51 -3.66 12.63
CA SER B 91 -17.43 -4.56 11.96
C SER B 91 -16.78 -5.96 11.81
N SER B 92 -15.45 -6.04 11.63
CA SER B 92 -14.82 -7.35 11.56
C SER B 92 -14.84 -8.08 12.87
N PHE B 93 -14.83 -7.33 13.97
CA PHE B 93 -14.96 -7.90 15.31
C PHE B 93 -16.40 -8.44 15.59
N GLU B 94 -17.39 -7.65 15.19
CA GLU B 94 -18.77 -8.09 15.30
C GLU B 94 -18.96 -9.40 14.50
N ASN B 95 -18.36 -9.50 13.31
CA ASN B 95 -18.51 -10.69 12.54
C ASN B 95 -17.88 -11.92 13.14
N VAL B 96 -16.87 -11.76 14.00
CA VAL B 96 -16.32 -12.93 14.70
C VAL B 96 -17.50 -13.66 15.37
N LYS B 97 -18.35 -12.86 16.02
CA LYS B 97 -19.43 -13.38 16.83
C LYS B 97 -20.64 -13.78 16.02
N GLU B 98 -20.95 -12.99 14.99
CA GLU B 98 -22.18 -13.23 14.24
C GLU B 98 -22.00 -14.29 13.15
N LYS B 99 -20.78 -14.47 12.69
CA LYS B 99 -20.54 -15.22 11.44
C LYS B 99 -19.46 -16.31 11.61
N TRP B 100 -18.22 -15.96 11.95
CA TRP B 100 -17.11 -16.90 11.88
C TRP B 100 -17.15 -18.01 12.94
N VAL B 101 -17.34 -17.64 14.20
CA VAL B 101 -17.31 -18.65 15.23
C VAL B 101 -18.50 -19.62 15.12
N PRO B 102 -19.73 -19.13 14.88
CA PRO B 102 -20.82 -20.07 14.55
C PRO B 102 -20.54 -20.98 13.35
N GLU B 103 -19.91 -20.48 12.29
CA GLU B 103 -19.69 -21.30 11.07
C GLU B 103 -18.71 -22.45 11.36
N ILE B 104 -17.56 -22.12 11.95
CA ILE B 104 -16.56 -23.14 12.13
C ILE B 104 -17.00 -24.13 13.23
N THR B 105 -17.68 -23.67 14.26
CA THR B 105 -18.21 -24.62 15.27
C THR B 105 -19.36 -25.49 14.73
N HIS B 106 -20.15 -25.01 13.78
CA HIS B 106 -21.13 -25.86 13.10
C HIS B 106 -20.43 -26.94 12.29
N HIS B 107 -19.33 -26.61 11.59
CA HIS B 107 -18.70 -27.59 10.69
C HIS B 107 -17.63 -28.42 11.38
N CYS B 108 -17.09 -27.93 12.49
CA CYS B 108 -15.88 -28.47 13.10
C CYS B 108 -16.01 -28.33 14.62
N PRO B 109 -17.04 -28.95 15.19
CA PRO B 109 -17.43 -28.64 16.57
C PRO B 109 -16.37 -28.97 17.65
N LYS B 110 -15.41 -29.85 17.35
CA LYS B 110 -14.37 -30.24 18.30
C LYS B 110 -13.00 -29.62 18.01
N THR B 111 -12.93 -28.70 17.04
CA THR B 111 -11.65 -28.18 16.61
C THR B 111 -11.39 -26.87 17.34
N PRO B 112 -10.22 -26.74 17.97
CA PRO B 112 -9.87 -25.51 18.68
C PRO B 112 -9.66 -24.33 17.75
N PHE B 113 -9.88 -23.14 18.29
CA PHE B 113 -9.65 -21.93 17.53
C PHE B 113 -9.14 -20.84 18.46
N LEU B 114 -8.31 -19.97 17.89
CA LEU B 114 -7.80 -18.80 18.57
C LEU B 114 -8.50 -17.64 17.98
N LEU B 115 -8.66 -16.62 18.81
CA LEU B 115 -9.15 -15.33 18.39
C LEU B 115 -7.91 -14.46 18.15
N VAL B 116 -7.74 -13.96 16.93
CA VAL B 116 -6.50 -13.25 16.60
C VAL B 116 -6.83 -11.82 16.22
N GLY B 117 -6.33 -10.84 16.98
CA GLY B 117 -6.46 -9.46 16.58
C GLY B 117 -5.31 -9.12 15.67
N THR B 118 -5.57 -8.56 14.48
CA THR B 118 -4.54 -8.08 13.54
C THR B 118 -4.49 -6.55 13.44
N GLN B 119 -3.42 -6.09 12.79
CA GLN B 119 -3.18 -4.69 12.41
C GLN B 119 -3.01 -3.80 13.66
N ILE B 120 -2.42 -4.34 14.70
CA ILE B 120 -2.32 -3.56 15.95
C ILE B 120 -1.46 -2.29 15.79
N ASP B 121 -0.59 -2.26 14.81
CA ASP B 121 0.12 -1.01 14.50
C ASP B 121 -0.81 0.13 14.04
N LEU B 122 -1.98 -0.20 13.50
CA LEU B 122 -2.89 0.81 13.06
C LEU B 122 -3.63 1.53 14.19
N ARG B 123 -3.49 1.08 15.46
CA ARG B 123 -4.00 1.85 16.60
C ARG B 123 -3.33 3.18 16.74
N ASP B 124 -2.08 3.27 16.28
CA ASP B 124 -1.30 4.48 16.32
C ASP B 124 -1.32 5.31 15.03
N ASP B 125 -2.03 4.87 14.00
CA ASP B 125 -1.94 5.51 12.69
C ASP B 125 -2.90 6.72 12.58
N PRO B 126 -2.40 7.92 12.31
CA PRO B 126 -3.29 9.07 12.36
C PRO B 126 -4.56 8.90 11.54
N SER B 127 -4.45 8.40 10.29
CA SER B 127 -5.56 8.33 9.36
C SER B 127 -6.61 7.30 9.73
N THR B 128 -6.17 6.13 10.20
CA THR B 128 -7.06 5.15 10.72
C THR B 128 -7.90 5.70 11.88
N ILE B 129 -7.26 6.43 12.80
CA ILE B 129 -7.92 6.90 13.98
C ILE B 129 -8.92 7.96 13.60
N GLU B 130 -8.53 8.84 12.69
CA GLU B 130 -9.45 9.88 12.21
C GLU B 130 -10.65 9.27 11.47
N LYS B 131 -10.45 8.26 10.67
CA LYS B 131 -11.56 7.71 9.88
C LYS B 131 -12.58 6.97 10.79
N LEU B 132 -12.08 6.12 11.68
CA LEU B 132 -12.93 5.58 12.75
C LEU B 132 -13.70 6.67 13.50
N ALA B 133 -13.02 7.71 13.94
CA ALA B 133 -13.67 8.71 14.78
C ALA B 133 -14.77 9.47 14.05
N LYS B 134 -14.70 9.48 12.70
CA LYS B 134 -15.70 10.14 11.84
C LYS B 134 -17.03 9.45 12.01
N ASN B 135 -17.00 8.14 12.22
CA ASN B 135 -18.16 7.31 12.52
C ASN B 135 -18.37 7.03 14.00
N LYS B 136 -17.81 7.89 14.88
CA LYS B 136 -17.83 7.72 16.33
C LYS B 136 -17.43 6.33 16.80
N GLN B 137 -16.41 5.78 16.19
CA GLN B 137 -15.82 4.49 16.53
C GLN B 137 -14.38 4.67 16.91
N LYS B 138 -13.83 3.61 17.46
CA LYS B 138 -12.46 3.59 17.87
C LYS B 138 -12.05 2.15 17.83
N PRO B 139 -10.75 1.88 17.94
CA PRO B 139 -10.25 0.52 17.83
C PRO B 139 -10.78 -0.38 18.94
N ILE B 140 -10.70 -1.68 18.74
CA ILE B 140 -11.04 -2.68 19.73
C ILE B 140 -9.86 -2.81 20.70
N THR B 141 -10.20 -2.84 21.95
CA THR B 141 -9.27 -2.94 23.04
C THR B 141 -8.95 -4.43 23.34
N PRO B 142 -7.77 -4.76 23.89
CA PRO B 142 -7.46 -6.17 24.20
C PRO B 142 -8.39 -6.74 25.24
N GLU B 143 -8.74 -5.95 26.25
CA GLU B 143 -9.74 -6.31 27.24
C GLU B 143 -11.09 -6.81 26.63
N THR B 144 -11.68 -5.99 25.75
CA THR B 144 -12.96 -6.31 25.11
C THR B 144 -12.84 -7.61 24.32
N ALA B 145 -11.69 -7.79 23.66
CA ALA B 145 -11.47 -9.01 22.89
C ALA B 145 -11.21 -10.26 23.75
N GLU B 146 -10.64 -10.07 24.93
CA GLU B 146 -10.36 -11.17 25.83
C GLU B 146 -11.67 -11.70 26.31
N LYS B 147 -12.57 -10.76 26.52
CA LYS B 147 -13.91 -11.01 27.00
C LYS B 147 -14.68 -11.82 25.95
N LEU B 148 -14.55 -11.46 24.69
CA LEU B 148 -15.27 -12.21 23.67
C LEU B 148 -14.66 -13.63 23.52
N ALA B 149 -13.34 -13.71 23.62
CA ALA B 149 -12.67 -14.99 23.50
C ALA B 149 -13.16 -15.97 24.56
N ARG B 150 -13.27 -15.50 25.80
CA ARG B 150 -13.83 -16.30 26.87
C ARG B 150 -15.29 -16.68 26.60
N ASP B 151 -16.11 -15.73 26.17
CA ASP B 151 -17.52 -16.06 25.92
C ASP B 151 -17.73 -17.06 24.80
N LEU B 152 -16.86 -17.01 23.79
CA LEU B 152 -17.01 -17.86 22.64
C LEU B 152 -16.27 -19.19 22.73
N LYS B 153 -15.55 -19.44 23.83
CA LYS B 153 -14.72 -20.65 24.01
C LYS B 153 -13.50 -20.76 23.09
N ALA B 154 -12.85 -19.62 22.81
CA ALA B 154 -11.57 -19.64 22.10
C ALA B 154 -10.54 -20.12 23.09
N VAL B 155 -9.56 -20.86 22.59
CA VAL B 155 -8.46 -21.27 23.45
C VAL B 155 -7.90 -20.01 24.07
N LYS B 156 -7.54 -19.03 23.24
CA LYS B 156 -7.28 -17.69 23.78
C LYS B 156 -7.28 -16.55 22.77
N TYR B 157 -6.95 -15.36 23.26
CA TYR B 157 -6.85 -14.17 22.46
C TYR B 157 -5.39 -13.80 22.31
N VAL B 158 -4.95 -13.64 21.07
CA VAL B 158 -3.58 -13.20 20.77
C VAL B 158 -3.71 -12.07 19.75
N GLU B 159 -2.71 -11.21 19.72
CA GLU B 159 -2.73 -9.98 18.94
C GLU B 159 -1.39 -9.89 18.23
N CYS B 160 -1.38 -9.39 17.00
CA CYS B 160 -0.11 -9.16 16.28
C CYS B 160 -0.18 -8.06 15.21
N SER B 161 0.99 -7.58 14.80
CA SER B 161 1.18 -6.76 13.63
C SER B 161 2.05 -7.54 12.61
N ALA B 162 1.50 -7.83 11.45
CA ALA B 162 2.28 -8.38 10.35
C ALA B 162 3.38 -7.40 9.92
N LEU B 163 3.13 -6.10 10.01
CA LEU B 163 4.15 -5.11 9.61
C LEU B 163 5.41 -5.03 10.51
N THR B 164 5.26 -4.91 11.83
CA THR B 164 6.39 -4.81 12.71
C THR B 164 6.81 -6.16 13.25
N GLN B 165 5.95 -7.14 13.09
CA GLN B 165 6.07 -8.48 13.65
C GLN B 165 5.83 -8.61 15.14
N LYS B 166 5.38 -7.54 15.82
CA LYS B 166 5.07 -7.62 17.24
C LYS B 166 4.00 -8.70 17.45
N GLY B 167 4.31 -9.67 18.30
CA GLY B 167 3.38 -10.75 18.61
C GLY B 167 3.18 -11.78 17.50
N LEU B 168 3.86 -11.64 16.39
CA LEU B 168 3.54 -12.51 15.24
C LEU B 168 3.96 -13.99 15.39
N LYS B 169 5.17 -14.26 15.84
CA LYS B 169 5.58 -15.66 16.01
C LYS B 169 4.76 -16.37 17.10
N ASN B 170 4.39 -15.63 18.13
CA ASN B 170 3.56 -16.12 19.26
C ASN B 170 2.14 -16.52 18.85
N VAL B 171 1.54 -15.80 17.91
CA VAL B 171 0.30 -16.29 17.34
C VAL B 171 0.44 -17.72 16.89
N PHE B 172 1.48 -17.99 16.10
CA PHE B 172 1.61 -19.33 15.55
C PHE B 172 2.08 -20.38 16.59
N ASP B 173 2.91 -19.99 17.56
CA ASP B 173 3.30 -20.93 18.61
C ASP B 173 2.06 -21.33 19.41
N GLU B 174 1.20 -20.35 19.72
CA GLU B 174 -0.03 -20.64 20.44
C GLU B 174 -0.99 -21.51 19.61
N ALA B 175 -0.99 -21.34 18.30
CA ALA B 175 -1.78 -22.17 17.42
C ALA B 175 -1.34 -23.62 17.48
N ILE B 176 -0.03 -23.82 17.44
CA ILE B 176 0.59 -25.14 17.43
C ILE B 176 0.27 -25.85 18.76
N LEU B 177 0.40 -25.13 19.87
CA LEU B 177 0.07 -25.67 21.19
C LEU B 177 -1.40 -26.06 21.31
N ALA B 178 -2.31 -25.16 20.91
CA ALA B 178 -3.74 -25.50 20.92
C ALA B 178 -4.04 -26.78 20.13
N ALA B 179 -3.32 -26.99 19.03
CA ALA B 179 -3.52 -28.14 18.16
C ALA B 179 -3.08 -29.47 18.73
N LEU B 180 -2.05 -29.43 19.56
CA LEU B 180 -1.46 -30.63 20.14
C LEU B 180 -1.82 -30.88 21.59
N GLU B 181 -2.43 -29.91 22.27
CA GLU B 181 -2.67 -30.08 23.71
C GLU B 181 -3.49 -31.37 23.85
N PRO B 182 -3.19 -32.18 24.87
CA PRO B 182 -3.65 -33.58 24.90
C PRO B 182 -5.10 -33.80 24.44
N LYS B 187 -5.92 -35.57 16.83
CA LYS B 187 -6.76 -36.32 15.90
C LYS B 187 -7.92 -36.99 16.66
N SER B 188 -9.07 -36.33 16.59
CA SER B 188 -10.10 -36.34 17.64
C SER B 188 -10.60 -34.89 17.66
N ARG B 189 -9.63 -33.96 17.71
CA ARG B 189 -9.86 -32.52 17.51
C ARG B 189 -9.87 -32.14 16.03
N ARG B 190 -9.45 -33.05 15.15
CA ARG B 190 -9.32 -32.76 13.73
C ARG B 190 -10.69 -32.75 13.07
N CYS B 191 -11.00 -31.71 12.32
CA CYS B 191 -12.29 -31.62 11.61
C CYS B 191 -12.46 -32.78 10.61
N VAL B 192 -13.68 -33.26 10.48
CA VAL B 192 -13.99 -34.37 9.55
C VAL B 192 -15.37 -34.20 8.89
N LEU B 193 -15.48 -34.73 7.67
CA LEU B 193 -16.76 -35.01 6.98
C LEU B 193 -18.01 -34.27 7.48
N LEU B 194 -18.53 -33.36 6.66
CA LEU B 194 -19.57 -32.43 7.09
C LEU B 194 -20.44 -32.01 5.88
N GLN C 36 23.26 -1.87 -27.58
CA GLN C 36 23.41 -2.45 -26.21
C GLN C 36 22.07 -2.95 -25.64
N ASN C 37 22.00 -4.23 -25.30
CA ASN C 37 20.79 -4.78 -24.71
C ASN C 37 20.64 -4.45 -23.18
N ARG C 38 19.51 -4.89 -22.65
CA ARG C 38 19.04 -4.61 -21.31
C ARG C 38 20.02 -5.09 -20.26
N ASP C 39 20.58 -6.29 -20.42
CA ASP C 39 21.58 -6.77 -19.52
C ASP C 39 22.88 -5.99 -19.58
N GLN C 40 23.33 -5.62 -20.76
CA GLN C 40 24.46 -4.73 -20.81
C GLN C 40 24.15 -3.37 -20.15
N MET C 41 22.92 -2.88 -20.24
CA MET C 41 22.62 -1.62 -19.64
C MET C 41 22.62 -1.80 -18.13
N ARG C 42 22.11 -2.93 -17.63
CA ARG C 42 22.11 -3.14 -16.19
C ARG C 42 23.53 -3.20 -15.69
N ALA C 43 24.41 -3.84 -16.46
CA ALA C 43 25.80 -3.90 -16.06
C ALA C 43 26.46 -2.52 -16.03
N ASN C 44 26.15 -1.68 -17.01
CA ASN C 44 26.65 -0.30 -17.03
C ASN C 44 26.21 0.46 -15.78
N VAL C 45 24.93 0.30 -15.39
CA VAL C 45 24.42 1.00 -14.20
C VAL C 45 25.10 0.49 -12.93
N ILE C 46 25.24 -0.83 -12.82
CA ILE C 46 25.85 -1.42 -11.64
C ILE C 46 27.27 -0.90 -11.50
N ASN C 47 28.01 -0.93 -12.60
CA ASN C 47 29.36 -0.39 -12.64
C ASN C 47 29.45 1.11 -12.30
N GLU C 48 28.51 1.90 -12.75
CA GLU C 48 28.52 3.29 -12.39
C GLU C 48 28.22 3.44 -10.94
N ILE C 49 27.29 2.68 -10.38
CA ILE C 49 27.05 2.83 -8.95
C ILE C 49 28.29 2.45 -8.09
N MET C 50 28.98 1.35 -8.43
CA MET C 50 30.20 0.97 -7.68
C MET C 50 31.29 2.02 -7.87
N SER C 51 31.42 2.56 -9.07
CA SER C 51 32.47 3.55 -9.35
C SER C 51 32.14 4.87 -8.61
N THR C 52 30.87 5.31 -8.55
CA THR C 52 30.53 6.52 -7.84
C THR C 52 30.68 6.33 -6.38
N GLU C 53 30.44 5.12 -5.85
CA GLU C 53 30.61 4.96 -4.43
C GLU C 53 32.09 5.01 -3.98
N ARG C 54 32.94 4.38 -4.75
CA ARG C 54 34.40 4.41 -4.53
C ARG C 54 35.05 5.79 -4.77
N HIS C 55 34.69 6.53 -5.79
CA HIS C 55 35.13 7.91 -5.87
C HIS C 55 34.64 8.79 -4.67
N TYR C 56 33.40 8.62 -4.20
CA TYR C 56 32.86 9.42 -3.13
C TYR C 56 33.66 9.10 -1.85
N ILE C 57 33.93 7.82 -1.63
CA ILE C 57 34.67 7.44 -0.48
C ILE C 57 36.13 8.02 -0.47
N LYS C 58 36.75 8.09 -1.64
CA LYS C 58 38.02 8.77 -1.76
C LYS C 58 37.93 10.25 -1.36
N HIS C 59 36.84 10.97 -1.70
CA HIS C 59 36.64 12.33 -1.25
C HIS C 59 36.53 12.40 0.27
N LEU C 60 35.74 11.52 0.86
CA LEU C 60 35.60 11.46 2.33
C LEU C 60 36.92 11.24 3.03
N LYS C 61 37.68 10.28 2.54
CA LYS C 61 39.02 10.06 3.00
C LYS C 61 39.92 11.29 2.86
N ASP C 62 39.95 11.91 1.68
CA ASP C 62 40.71 13.13 1.48
C ASP C 62 40.30 14.20 2.50
N ILE C 63 39.03 14.28 2.86
CA ILE C 63 38.63 15.29 3.83
C ILE C 63 39.08 14.94 5.26
N CYS C 64 39.02 13.66 5.62
CA CYS C 64 39.15 13.25 6.99
C CYS C 64 40.61 13.05 7.33
N GLU C 65 41.36 12.41 6.42
CA GLU C 65 42.77 12.17 6.56
C GLU C 65 43.66 13.30 6.02
N GLY C 66 43.11 14.13 5.17
CA GLY C 66 43.81 15.26 4.60
C GLY C 66 43.47 16.50 5.40
N TYR C 67 42.39 17.18 5.01
CA TYR C 67 42.06 18.48 5.58
C TYR C 67 42.00 18.50 7.10
N LEU C 68 41.25 17.56 7.67
CA LEU C 68 41.00 17.59 9.10
C LEU C 68 42.24 17.36 9.88
N LYS C 69 43.06 16.39 9.50
CA LYS C 69 44.33 16.17 10.15
C LYS C 69 45.25 17.37 10.06
N GLN C 70 45.37 17.98 8.89
CA GLN C 70 46.24 19.16 8.77
C GLN C 70 45.69 20.31 9.66
N CYS C 71 44.37 20.44 9.77
CA CYS C 71 43.76 21.46 10.60
C CYS C 71 44.04 21.24 12.08
N ARG C 72 44.02 19.99 12.55
CA ARG C 72 44.35 19.70 13.94
C ARG C 72 45.75 20.01 14.28
N LYS C 73 46.66 19.90 13.31
CA LYS C 73 48.07 20.27 13.53
C LYS C 73 48.22 21.75 13.76
N ARG C 74 47.23 22.56 13.33
CA ARG C 74 47.41 24.02 13.36
C ARG C 74 46.49 24.67 14.36
N ARG C 75 46.83 24.56 15.64
CA ARG C 75 45.93 25.07 16.68
C ARG C 75 45.91 26.58 16.73
N ASP C 76 46.96 27.23 16.23
CA ASP C 76 46.91 28.65 16.04
C ASP C 76 45.85 29.07 15.07
N MET C 77 45.50 28.22 14.10
CA MET C 77 44.58 28.68 13.05
C MET C 77 43.13 28.16 13.21
N PHE C 78 42.96 27.08 13.96
CA PHE C 78 41.67 26.42 14.03
C PHE C 78 41.45 26.07 15.49
N SER C 79 40.38 26.57 16.09
CA SER C 79 39.99 26.07 17.40
C SER C 79 39.19 24.80 17.29
N ASP C 80 38.95 24.17 18.42
CA ASP C 80 38.14 22.96 18.44
C ASP C 80 36.71 23.25 17.98
N GLU C 81 36.11 24.34 18.45
CA GLU C 81 34.78 24.74 18.01
C GLU C 81 34.71 24.93 16.50
N GLN C 82 35.69 25.63 15.94
CA GLN C 82 35.75 25.88 14.50
C GLN C 82 35.83 24.57 13.69
N LEU C 83 36.56 23.58 14.19
CA LEU C 83 36.65 22.29 13.52
C LEU C 83 35.31 21.55 13.53
N LYS C 84 34.57 21.64 14.63
CA LYS C 84 33.25 20.98 14.75
C LYS C 84 32.25 21.62 13.80
N VAL C 85 32.36 22.93 13.67
CA VAL C 85 31.45 23.71 12.88
C VAL C 85 31.73 23.44 11.38
N ILE C 86 32.98 23.61 10.94
CA ILE C 86 33.32 23.38 9.55
C ILE C 86 33.11 21.90 9.11
N PHE C 87 33.56 20.95 9.92
CA PHE C 87 33.57 19.58 9.47
C PHE C 87 32.42 18.72 10.03
N GLY C 88 31.81 19.08 11.18
CA GLY C 88 30.64 18.37 11.71
C GLY C 88 30.93 16.90 11.91
N ASN C 89 30.02 16.06 11.49
CA ASN C 89 30.11 14.61 11.65
C ASN C 89 30.67 13.90 10.34
N ILE C 90 31.58 14.56 9.63
CA ILE C 90 32.09 14.01 8.39
C ILE C 90 32.83 12.66 8.63
N GLU C 91 33.47 12.54 9.79
CA GLU C 91 34.18 11.32 10.09
C GLU C 91 33.23 10.14 10.31
N ASP C 92 32.09 10.39 10.95
CA ASP C 92 31.05 9.33 11.02
C ASP C 92 30.49 8.98 9.68
N ILE C 93 30.44 9.93 8.74
CA ILE C 93 29.97 9.60 7.39
C ILE C 93 30.96 8.69 6.69
N TYR C 94 32.24 8.98 6.86
CA TYR C 94 33.30 8.18 6.25
C TYR C 94 33.26 6.77 6.83
N ARG C 95 33.28 6.65 8.15
CA ARG C 95 33.18 5.37 8.77
C ARG C 95 31.97 4.53 8.28
N PHE C 96 30.80 5.18 8.20
CA PHE C 96 29.60 4.52 7.66
C PHE C 96 29.83 4.07 6.22
N GLN C 97 30.31 4.99 5.37
CA GLN C 97 30.45 4.68 3.96
C GLN C 97 31.39 3.52 3.70
N MET C 98 32.44 3.40 4.47
CA MET C 98 33.38 2.29 4.31
C MET C 98 32.71 0.94 4.50
N GLY C 99 31.89 0.80 5.52
CA GLY C 99 31.15 -0.43 5.68
C GLY C 99 30.14 -0.56 4.56
N PHE C 100 29.56 0.51 4.06
CA PHE C 100 28.59 0.35 2.99
C PHE C 100 29.21 -0.18 1.70
N VAL C 101 30.29 0.44 1.30
CA VAL C 101 31.01 0.14 0.10
C VAL C 101 31.58 -1.29 0.21
N ARG C 102 32.13 -1.67 1.34
CA ARG C 102 32.50 -3.07 1.57
C ARG C 102 31.36 -4.06 1.24
N ASP C 103 30.15 -3.74 1.67
CA ASP C 103 29.04 -4.61 1.37
C ASP C 103 28.63 -4.60 -0.10
N LEU C 104 28.72 -3.44 -0.76
CA LEU C 104 28.41 -3.41 -2.17
C LEU C 104 29.41 -4.26 -2.88
N GLU C 105 30.70 -4.17 -2.50
CA GLU C 105 31.76 -4.89 -3.20
C GLU C 105 31.63 -6.40 -2.97
N LYS C 106 31.17 -6.80 -1.81
CA LYS C 106 30.91 -8.21 -1.57
C LYS C 106 29.82 -8.79 -2.53
N GLN C 107 28.86 -7.96 -2.94
CA GLN C 107 27.71 -8.37 -3.74
C GLN C 107 27.94 -8.21 -5.22
N TYR C 108 29.00 -7.50 -5.60
CA TYR C 108 29.30 -7.30 -7.01
C TYR C 108 29.75 -8.63 -7.60
N ASN C 109 29.12 -9.06 -8.69
CA ASN C 109 29.45 -10.32 -9.33
C ASN C 109 30.42 -10.04 -10.45
N ASN C 110 31.71 -10.28 -10.17
CA ASN C 110 32.79 -9.92 -11.09
C ASN C 110 32.64 -10.59 -12.44
N ASP C 111 32.26 -11.85 -12.45
CA ASP C 111 32.22 -12.59 -13.71
C ASP C 111 31.05 -12.18 -14.61
N ASP C 112 30.02 -11.58 -14.01
CA ASP C 112 28.78 -11.18 -14.70
C ASP C 112 28.06 -10.04 -13.89
N PRO C 113 28.50 -8.80 -14.04
CA PRO C 113 28.02 -7.69 -13.20
C PRO C 113 26.52 -7.39 -13.28
N HIS C 114 25.88 -7.69 -14.38
CA HIS C 114 24.44 -7.49 -14.51
C HIS C 114 23.66 -8.41 -13.55
N LEU C 115 24.28 -9.52 -13.10
CA LEU C 115 23.66 -10.38 -12.08
C LEU C 115 23.82 -9.89 -10.61
N SER C 116 24.67 -8.88 -10.37
CA SER C 116 24.82 -8.30 -9.03
C SER C 116 23.49 -7.93 -8.35
N GLU C 117 23.36 -8.32 -7.10
CA GLU C 117 22.18 -8.07 -6.30
C GLU C 117 22.51 -7.00 -5.29
N ILE C 118 22.25 -5.70 -5.58
CA ILE C 118 22.62 -4.70 -4.56
C ILE C 118 21.52 -4.00 -3.77
N GLY C 119 20.28 -4.33 -4.09
CA GLY C 119 19.17 -3.72 -3.37
C GLY C 119 19.26 -3.97 -1.88
N PRO C 120 19.52 -5.21 -1.48
CA PRO C 120 19.65 -5.52 -0.06
C PRO C 120 20.72 -4.66 0.65
N CYS C 121 21.81 -4.32 -0.01
CA CYS C 121 22.83 -3.46 0.61
C CYS C 121 22.22 -2.15 1.09
N PHE C 122 21.39 -1.51 0.26
CA PHE C 122 20.77 -0.28 0.70
C PHE C 122 19.77 -0.52 1.83
N LEU C 123 18.96 -1.57 1.68
CA LEU C 123 17.94 -1.83 2.66
C LEU C 123 18.52 -2.20 4.04
N GLU C 124 19.56 -2.98 4.08
CA GLU C 124 20.14 -3.33 5.39
C GLU C 124 20.94 -2.24 6.06
N HIS C 125 21.30 -1.19 5.35
CA HIS C 125 22.07 -0.09 5.93
C HIS C 125 21.22 1.16 6.07
N GLN C 126 19.90 1.03 5.92
CA GLN C 126 19.02 2.18 5.78
C GLN C 126 19.10 3.15 6.93
N ASP C 127 19.17 2.65 8.13
CA ASP C 127 19.21 3.53 9.29
C ASP C 127 20.56 4.20 9.43
N GLY C 128 21.59 3.64 8.82
CA GLY C 128 22.87 4.32 8.82
C GLY C 128 22.86 5.65 8.07
N PHE C 129 22.00 5.82 7.06
CA PHE C 129 21.96 7.05 6.27
C PHE C 129 21.45 8.26 7.00
N TRP C 130 20.91 8.07 8.20
CA TRP C 130 20.28 9.18 8.91
C TRP C 130 21.28 10.13 9.46
N ILE C 131 22.53 9.70 9.57
CA ILE C 131 23.58 10.64 9.96
C ILE C 131 23.79 11.84 8.97
N TYR C 132 23.27 11.71 7.78
CA TYR C 132 23.33 12.71 6.77
C TYR C 132 22.37 13.88 7.11
N SER C 133 21.35 13.61 7.92
CA SER C 133 20.50 14.65 8.40
C SER C 133 21.25 15.69 9.21
N GLU C 134 22.06 15.26 10.17
CA GLU C 134 22.82 16.22 10.96
C GLU C 134 23.83 16.99 10.07
N TYR C 135 24.44 16.30 9.12
CA TYR C 135 25.34 16.94 8.15
C TYR C 135 24.68 18.08 7.36
N CYS C 136 23.50 17.80 6.77
CA CYS C 136 22.78 18.77 6.00
C CYS C 136 22.33 19.93 6.84
N ASN C 137 21.88 19.64 8.04
CA ASN C 137 21.38 20.70 8.93
C ASN C 137 22.49 21.63 9.40
N ASN C 138 23.73 21.13 9.52
CA ASN C 138 24.87 21.94 10.01
C ASN C 138 25.57 22.72 8.85
N HIS C 139 25.25 22.37 7.61
CA HIS C 139 26.08 22.80 6.49
C HIS C 139 26.13 24.28 6.21
N LEU C 140 25.01 24.96 6.39
CA LEU C 140 25.01 26.42 6.35
C LEU C 140 25.93 27.07 7.37
N ASP C 141 25.82 26.65 8.62
CA ASP C 141 26.70 27.18 9.64
C ASP C 141 28.15 26.81 9.32
N ALA C 142 28.39 25.67 8.64
CA ALA C 142 29.70 25.32 8.17
C ALA C 142 30.18 26.21 7.05
N CYS C 143 29.31 26.49 6.11
CA CYS C 143 29.67 27.35 5.02
C CYS C 143 29.94 28.74 5.61
N MET C 144 29.20 29.14 6.61
CA MET C 144 29.32 30.49 7.12
C MET C 144 30.71 30.66 7.73
N GLU C 145 31.09 29.71 8.60
CA GLU C 145 32.32 29.82 9.38
C GLU C 145 33.47 29.72 8.44
N LEU C 146 33.37 28.75 7.55
CA LEU C 146 34.38 28.58 6.56
C LEU C 146 34.58 29.82 5.79
N SER C 147 33.51 30.50 5.45
CA SER C 147 33.58 31.73 4.61
C SER C 147 34.24 32.96 5.32
N LYS C 148 34.01 33.07 6.62
CA LYS C 148 34.59 34.08 7.46
C LYS C 148 36.11 33.83 7.57
N LEU C 149 36.56 32.56 7.62
CA LEU C 149 38.00 32.25 7.65
C LEU C 149 38.71 32.49 6.32
N MET C 150 38.04 32.19 5.23
CA MET C 150 38.59 32.31 3.90
C MET C 150 38.81 33.72 3.40
N LYS C 151 38.25 34.72 4.09
CA LYS C 151 38.60 36.10 3.75
C LYS C 151 40.04 36.43 4.11
N ASP C 152 40.66 35.58 4.92
CA ASP C 152 42.04 35.75 5.37
C ASP C 152 42.88 34.82 4.53
N SER C 153 43.78 35.46 3.78
CA SER C 153 44.64 34.76 2.84
C SER C 153 45.59 33.71 3.47
N ARG C 154 45.72 33.66 4.79
CA ARG C 154 46.51 32.58 5.43
C ARG C 154 45.73 31.25 5.23
N TYR C 155 44.42 31.36 5.32
CA TYR C 155 43.52 30.23 5.15
C TYR C 155 43.46 29.75 3.75
N GLN C 156 43.46 30.65 2.78
CA GLN C 156 43.35 30.24 1.39
C GLN C 156 44.59 29.43 1.03
N HIS C 157 45.74 29.91 1.47
CA HIS C 157 47.00 29.26 1.18
C HIS C 157 47.07 27.91 1.92
N PHE C 158 46.66 27.85 3.16
CA PHE C 158 46.64 26.57 3.88
C PHE C 158 45.77 25.52 3.17
N PHE C 159 44.57 25.89 2.76
CA PHE C 159 43.67 24.95 2.10
C PHE C 159 44.10 24.50 0.73
N GLU C 160 44.75 25.41 0.01
CA GLU C 160 45.36 25.03 -1.24
C GLU C 160 46.55 24.03 -1.04
N ALA C 161 47.41 24.26 -0.07
CA ALA C 161 48.43 23.28 0.24
C ALA C 161 47.83 21.92 0.63
N CYS C 162 46.77 21.92 1.44
CA CYS C 162 46.13 20.63 1.75
C CYS C 162 45.67 19.92 0.48
N ARG C 163 45.10 20.68 -0.43
CA ARG C 163 44.53 20.06 -1.63
C ARG C 163 45.65 19.41 -2.45
N LEU C 164 46.78 20.10 -2.56
CA LEU C 164 47.94 19.54 -3.27
C LEU C 164 48.55 18.37 -2.58
N LEU C 165 48.66 18.44 -1.26
CA LEU C 165 49.06 17.26 -0.51
C LEU C 165 48.21 16.08 -0.87
N GLN C 166 46.89 16.24 -0.94
CA GLN C 166 46.03 15.11 -1.22
C GLN C 166 45.89 14.77 -2.69
N GLN C 167 46.50 15.50 -3.61
CA GLN C 167 46.32 15.29 -5.04
C GLN C 167 44.84 15.35 -5.55
N MET C 168 44.08 16.28 -5.01
CA MET C 168 42.71 16.42 -5.34
C MET C 168 42.57 17.36 -6.53
N ILE C 169 41.43 17.30 -7.17
CA ILE C 169 41.22 18.22 -8.28
C ILE C 169 41.06 19.62 -7.73
N ASP C 170 41.18 20.58 -8.62
CA ASP C 170 41.17 22.00 -8.29
C ASP C 170 39.76 22.59 -8.05
N ILE C 171 39.04 22.02 -7.09
CA ILE C 171 37.79 22.51 -6.55
C ILE C 171 38.19 22.90 -5.09
N ALA C 172 37.60 23.96 -4.59
CA ALA C 172 37.91 24.43 -3.27
C ALA C 172 37.28 23.52 -2.18
N ILE C 173 37.73 23.73 -0.95
CA ILE C 173 37.27 22.91 0.14
C ILE C 173 35.76 22.92 0.31
N ASP C 174 35.08 24.04 0.19
CA ASP C 174 33.63 24.00 0.31
C ASP C 174 32.91 23.06 -0.69
N GLY C 175 33.47 22.92 -1.89
CA GLY C 175 32.95 22.06 -2.93
C GLY C 175 32.99 20.63 -2.46
N PHE C 176 34.11 20.22 -1.86
CA PHE C 176 34.28 18.85 -1.40
C PHE C 176 33.36 18.61 -0.21
N LEU C 177 33.15 19.66 0.61
CA LEU C 177 32.32 19.53 1.78
C LEU C 177 30.81 19.41 1.37
N LEU C 178 30.49 19.83 0.16
CA LEU C 178 29.19 19.60 -0.38
C LEU C 178 28.89 18.18 -0.80
N THR C 179 29.92 17.37 -1.09
CA THR C 179 29.68 16.07 -1.68
C THR C 179 28.70 15.16 -0.92
N PRO C 180 28.69 15.12 0.42
CA PRO C 180 27.66 14.27 1.09
C PRO C 180 26.25 14.75 0.81
N VAL C 181 26.03 16.06 0.69
CA VAL C 181 24.69 16.55 0.36
C VAL C 181 24.29 16.11 -1.07
N GLN C 182 25.20 16.28 -2.01
CA GLN C 182 24.96 15.82 -3.37
C GLN C 182 24.72 14.34 -3.37
N LYS C 183 25.45 13.57 -2.60
CA LYS C 183 25.34 12.12 -2.68
C LYS C 183 23.97 11.66 -2.19
N ILE C 184 23.48 12.25 -1.09
CA ILE C 184 22.28 11.72 -0.52
C ILE C 184 21.11 12.05 -1.45
N CYS C 185 21.21 13.10 -2.27
CA CYS C 185 20.16 13.37 -3.20
C CYS C 185 20.37 12.54 -4.51
N LYS C 186 21.48 11.87 -4.74
CA LYS C 186 21.72 11.16 -5.99
C LYS C 186 21.25 9.71 -5.92
N TYR C 187 21.18 9.09 -4.73
CA TYR C 187 20.83 7.68 -4.68
C TYR C 187 19.48 7.29 -5.33
N PRO C 188 18.39 8.05 -5.14
CA PRO C 188 17.16 7.72 -5.87
C PRO C 188 17.26 7.72 -7.36
N LEU C 189 17.95 8.66 -8.00
CA LEU C 189 18.14 8.67 -9.43
C LEU C 189 18.93 7.47 -9.87
N GLN C 190 19.95 7.06 -9.14
CA GLN C 190 20.74 5.86 -9.47
C GLN C 190 19.91 4.57 -9.41
N LEU C 191 19.10 4.46 -8.38
CA LEU C 191 18.29 3.32 -8.19
C LEU C 191 17.11 3.25 -9.16
N ALA C 192 16.48 4.39 -9.53
CA ALA C 192 15.47 4.41 -10.58
C ALA C 192 16.05 3.91 -11.93
N GLU C 193 17.27 4.29 -12.28
CA GLU C 193 17.92 3.85 -13.49
C GLU C 193 18.24 2.38 -13.47
N LEU C 194 18.77 1.93 -12.36
CA LEU C 194 18.96 0.49 -12.15
C LEU C 194 17.65 -0.30 -12.34
N LEU C 195 16.58 0.18 -11.73
CA LEU C 195 15.33 -0.55 -11.73
C LEU C 195 14.80 -0.68 -13.16
N LYS C 196 15.06 0.33 -13.96
CA LYS C 196 14.70 0.40 -15.38
C LYS C 196 15.22 -0.76 -16.20
N TYR C 197 16.44 -1.21 -15.89
CA TYR C 197 17.09 -2.29 -16.60
C TYR C 197 17.10 -3.60 -15.83
N THR C 198 16.23 -3.71 -14.82
CA THR C 198 16.14 -4.94 -14.02
C THR C 198 14.87 -5.64 -14.41
N ALA C 199 14.98 -6.82 -15.00
CA ALA C 199 13.81 -7.61 -15.32
C ALA C 199 13.09 -8.09 -14.04
N GLN C 200 11.81 -8.32 -14.17
CA GLN C 200 10.96 -8.62 -13.01
C GLN C 200 11.28 -9.97 -12.38
N ASP C 201 11.86 -10.89 -13.13
CA ASP C 201 12.31 -12.10 -12.50
C ASP C 201 13.76 -12.01 -11.99
N HIS C 202 14.49 -10.93 -12.20
CA HIS C 202 15.81 -10.82 -11.58
C HIS C 202 15.60 -10.86 -10.04
N SER C 203 16.51 -11.54 -9.35
CA SER C 203 16.40 -11.71 -7.92
C SER C 203 16.55 -10.36 -7.22
N ASP C 204 17.19 -9.39 -7.85
CA ASP C 204 17.34 -8.06 -7.28
C ASP C 204 16.09 -7.18 -7.40
N TYR C 205 15.17 -7.49 -8.32
CA TYR C 205 14.04 -6.61 -8.62
C TYR C 205 13.27 -6.11 -7.41
N ARG C 206 12.77 -7.02 -6.58
CA ARG C 206 11.97 -6.62 -5.46
C ARG C 206 12.71 -5.76 -4.46
N TYR C 207 14.02 -5.96 -4.37
CA TYR C 207 14.85 -5.22 -3.46
C TYR C 207 15.17 -3.85 -3.99
N VAL C 208 15.29 -3.70 -5.30
CA VAL C 208 15.63 -2.38 -5.83
C VAL C 208 14.42 -1.45 -5.77
N ALA C 209 13.26 -1.96 -6.12
CA ALA C 209 12.03 -1.24 -6.04
C ALA C 209 11.76 -0.76 -4.59
N ALA C 210 11.99 -1.62 -3.62
CA ALA C 210 11.90 -1.28 -2.20
C ALA C 210 12.97 -0.25 -1.78
N ALA C 211 14.20 -0.46 -2.23
CA ALA C 211 15.30 0.48 -1.91
C ALA C 211 15.07 1.89 -2.46
N LEU C 212 14.58 1.97 -3.68
CA LEU C 212 14.22 3.23 -4.26
C LEU C 212 13.17 3.98 -3.36
N ALA C 213 12.13 3.29 -2.85
CA ALA C 213 11.16 3.91 -1.95
C ALA C 213 11.81 4.33 -0.64
N VAL C 214 12.63 3.48 -0.08
CA VAL C 214 13.37 3.79 1.12
C VAL C 214 14.33 5.04 0.96
N MET C 215 15.11 5.11 -0.11
CA MET C 215 16.07 6.20 -0.21
C MET C 215 15.42 7.49 -0.61
N ARG C 216 14.32 7.44 -1.38
CA ARG C 216 13.53 8.64 -1.52
C ARG C 216 13.02 9.20 -0.19
N ASN C 217 12.50 8.33 0.68
CA ASN C 217 12.03 8.69 1.97
C ASN C 217 13.15 9.31 2.81
N VAL C 218 14.31 8.72 2.76
CA VAL C 218 15.48 9.32 3.43
C VAL C 218 15.68 10.78 3.04
N THR C 219 15.72 11.04 1.76
CA THR C 219 15.96 12.38 1.30
C THR C 219 14.83 13.31 1.67
N GLN C 220 13.57 12.83 1.53
CA GLN C 220 12.41 13.61 1.85
C GLN C 220 12.46 14.00 3.36
N GLN C 221 12.81 13.05 4.19
CA GLN C 221 12.82 13.26 5.64
C GLN C 221 13.96 14.15 6.07
N ILE C 222 15.11 14.05 5.43
CA ILE C 222 16.19 15.01 5.71
C ILE C 222 15.79 16.45 5.28
N ASN C 223 15.08 16.57 4.15
CA ASN C 223 14.64 17.89 3.67
C ASN C 223 13.64 18.49 4.68
N GLU C 224 12.73 17.68 5.15
CA GLU C 224 11.73 18.09 6.14
C GLU C 224 12.33 18.48 7.47
N ARG C 225 13.39 17.83 7.89
CA ARG C 225 14.07 18.25 9.15
C ARG C 225 14.87 19.54 9.01
N LYS C 226 15.44 19.78 7.83
CA LYS C 226 16.06 21.07 7.57
C LYS C 226 14.99 22.14 7.59
N ARG C 227 13.80 21.89 7.07
CA ARG C 227 12.73 22.87 7.12
C ARG C 227 12.32 23.18 8.55
N ARG C 228 12.28 22.14 9.39
CA ARG C 228 11.92 22.26 10.80
C ARG C 228 12.89 23.10 11.52
N LEU C 229 14.17 22.84 11.34
CA LEU C 229 15.21 23.64 11.94
C LEU C 229 15.19 25.10 11.50
N GLU C 230 14.98 25.33 10.21
CA GLU C 230 14.89 26.73 9.72
C GLU C 230 13.65 27.52 10.22
N ASN C 231 12.66 26.83 10.79
CA ASN C 231 11.46 27.45 11.33
C ASN C 231 11.30 27.62 12.82
N ILE C 232 12.31 27.25 13.60
CA ILE C 232 12.16 27.27 15.04
C ILE C 232 12.06 28.67 15.60
N ASP C 233 12.49 29.63 14.83
CA ASP C 233 12.38 31.04 15.15
C ASP C 233 10.93 31.41 15.46
N LYS C 234 9.97 30.90 14.67
CA LYS C 234 8.53 31.17 14.87
C LYS C 234 8.03 30.69 16.22
N ILE C 235 8.52 29.53 16.66
CA ILE C 235 8.20 29.08 18.00
C ILE C 235 8.70 30.07 19.06
N ALA C 236 9.94 30.53 18.99
CA ALA C 236 10.42 31.45 20.03
C ALA C 236 9.59 32.75 20.04
N GLN C 237 9.26 33.27 18.84
CA GLN C 237 8.43 34.49 18.71
C GLN C 237 7.03 34.27 19.26
N TRP C 238 6.47 33.08 19.01
CA TRP C 238 5.15 32.78 19.58
C TRP C 238 5.24 32.83 21.10
N GLN C 239 6.19 32.10 21.66
CA GLN C 239 6.42 32.12 23.07
C GLN C 239 6.51 33.54 23.68
N ALA C 240 7.28 34.44 23.07
CA ALA C 240 7.48 35.79 23.58
C ALA C 240 6.21 36.67 23.49
N SER C 241 5.27 36.33 22.61
CA SER C 241 3.97 37.05 22.52
C SER C 241 2.97 36.63 23.66
N VAL C 242 3.21 35.51 24.34
CA VAL C 242 2.29 35.02 25.36
C VAL C 242 2.68 35.66 26.69
N LEU C 243 1.73 36.27 27.39
CA LEU C 243 2.01 36.91 28.68
C LEU C 243 2.16 35.93 29.88
N ASP C 244 2.93 36.35 30.89
CA ASP C 244 3.18 35.58 32.11
C ASP C 244 3.73 34.15 31.89
N TRP C 245 4.59 34.00 30.91
CA TRP C 245 5.26 32.73 30.69
C TRP C 245 5.98 32.21 31.94
N GLU C 246 5.84 30.92 32.18
CA GLU C 246 6.61 30.25 33.24
C GLU C 246 7.06 28.91 32.72
N GLY C 247 8.08 28.37 33.36
CA GLY C 247 8.70 27.16 32.88
C GLY C 247 9.69 27.42 31.75
N ASP C 248 10.19 26.33 31.22
CA ASP C 248 11.17 26.40 30.14
C ASP C 248 10.63 26.97 28.85
N ASP C 249 11.57 27.37 28.00
CA ASP C 249 11.28 27.72 26.62
C ASP C 249 10.72 26.47 25.95
N ILE C 250 9.85 26.65 24.99
CA ILE C 250 9.30 25.55 24.27
C ILE C 250 10.38 24.84 23.48
N LEU C 251 11.40 25.57 23.03
CA LEU C 251 12.45 24.98 22.23
C LEU C 251 13.38 24.12 23.02
N ASP C 252 13.29 24.14 24.32
CA ASP C 252 14.12 23.22 25.08
C ASP C 252 13.75 21.78 24.80
N ARG C 253 12.51 21.52 24.44
CA ARG C 253 12.05 20.17 24.19
C ARG C 253 11.37 19.95 22.84
N SER C 254 10.83 20.98 22.22
CA SER C 254 9.97 20.85 21.06
C SER C 254 10.57 21.59 19.86
N SER C 255 10.10 21.26 18.65
CA SER C 255 10.53 21.94 17.45
C SER C 255 9.44 22.15 16.41
N GLU C 256 8.23 21.65 16.67
CA GLU C 256 7.13 21.79 15.71
C GLU C 256 5.78 21.91 16.41
N LEU C 257 5.01 22.94 16.07
CA LEU C 257 3.60 23.03 16.44
C LEU C 257 2.78 22.07 15.59
N ILE C 258 2.18 21.05 16.21
CA ILE C 258 1.34 20.10 15.48
C ILE C 258 -0.10 20.60 15.29
N TYR C 259 -0.74 21.12 16.34
CA TYR C 259 -2.12 21.55 16.24
C TYR C 259 -2.46 22.52 17.37
N THR C 260 -3.48 23.33 17.15
CA THR C 260 -4.03 24.29 18.12
C THR C 260 -5.54 24.40 17.96
N GLY C 261 -6.21 24.70 19.05
CA GLY C 261 -7.62 24.92 19.08
C GLY C 261 -8.06 25.17 20.52
N GLU C 262 -9.32 25.58 20.61
CA GLU C 262 -9.99 25.90 21.83
C GLU C 262 -10.73 24.68 22.27
N MET C 263 -10.71 24.42 23.55
CA MET C 263 -11.51 23.36 24.11
C MET C 263 -11.77 23.78 25.53
N ALA C 264 -12.77 23.14 26.13
CA ALA C 264 -13.01 23.15 27.58
C ALA C 264 -12.29 21.96 28.14
N TRP C 265 -11.79 22.09 29.35
CA TRP C 265 -11.22 20.95 30.05
C TRP C 265 -11.45 21.01 31.55
N ILE C 266 -11.20 19.89 32.18
CA ILE C 266 -11.37 19.72 33.60
C ILE C 266 -10.14 19.00 34.03
N TYR C 267 -9.33 19.72 34.80
CA TYR C 267 -8.07 19.26 35.32
C TYR C 267 -8.20 17.95 36.10
N GLN C 268 -9.20 17.84 36.98
CA GLN C 268 -9.37 16.61 37.78
C GLN C 268 -10.85 16.40 38.13
N PRO C 269 -11.24 15.19 38.49
CA PRO C 269 -12.64 14.97 38.85
C PRO C 269 -13.16 15.97 39.89
N TYR C 270 -14.39 16.42 39.63
CA TYR C 270 -15.14 17.34 40.46
C TYR C 270 -14.61 18.75 40.47
N GLY C 271 -13.70 19.09 39.55
CA GLY C 271 -13.14 20.41 39.48
C GLY C 271 -13.89 21.21 38.43
N ARG C 272 -13.49 22.45 38.26
CA ARG C 272 -14.26 23.45 37.51
C ARG C 272 -13.85 23.35 36.11
N ASN C 273 -14.81 23.40 35.18
CA ASN C 273 -14.38 23.39 33.80
C ASN C 273 -13.92 24.75 33.36
N GLN C 274 -12.90 24.80 32.48
CA GLN C 274 -12.27 26.03 32.01
C GLN C 274 -12.13 26.03 30.45
N GLN C 275 -12.37 27.17 29.84
CA GLN C 275 -12.17 27.34 28.42
C GLN C 275 -10.73 27.80 28.20
N ARG C 276 -9.97 27.04 27.41
CA ARG C 276 -8.58 27.35 27.09
C ARG C 276 -8.24 27.12 25.63
N VAL C 277 -7.12 27.73 25.21
CA VAL C 277 -6.54 27.46 23.94
C VAL C 277 -5.34 26.58 24.22
N PHE C 278 -5.34 25.44 23.54
CA PHE C 278 -4.26 24.45 23.59
C PHE C 278 -3.36 24.49 22.38
N PHE C 279 -2.05 24.28 22.62
CA PHE C 279 -1.04 24.28 21.59
C PHE C 279 -0.24 23.00 21.76
N LEU C 280 -0.42 22.05 20.86
CA LEU C 280 0.26 20.78 20.93
C LEU C 280 1.53 20.85 20.09
N PHE C 281 2.67 20.61 20.75
CA PHE C 281 3.98 20.56 20.11
C PHE C 281 4.45 19.11 20.23
N ASP C 282 5.48 18.69 19.46
CA ASP C 282 6.16 17.47 19.88
C ASP C 282 6.61 17.60 21.40
N HIS C 283 6.25 16.59 22.21
CA HIS C 283 6.59 16.40 23.60
C HIS C 283 5.75 17.12 24.63
N GLN C 284 5.01 18.15 24.26
CA GLN C 284 4.26 18.91 25.22
C GLN C 284 3.10 19.69 24.63
N MET C 285 2.08 19.87 25.46
CA MET C 285 0.91 20.61 25.15
C MET C 285 0.82 21.78 26.12
N VAL C 286 0.84 22.99 25.59
CA VAL C 286 0.72 24.22 26.38
C VAL C 286 -0.72 24.73 26.40
N LEU C 287 -1.16 25.27 27.52
CA LEU C 287 -2.46 25.88 27.56
C LEU C 287 -2.42 27.35 27.99
N CYS C 288 -3.30 28.11 27.37
CA CYS C 288 -3.44 29.54 27.60
C CYS C 288 -4.90 29.92 27.73
N LYS C 289 -5.11 31.06 28.35
CA LYS C 289 -6.42 31.66 28.54
C LYS C 289 -6.47 32.90 27.63
N LYS C 290 -7.53 33.04 26.85
CA LYS C 290 -7.77 34.23 26.04
C LYS C 290 -8.19 35.39 26.98
N ASP C 291 -7.94 36.62 26.57
CA ASP C 291 -8.36 37.76 27.40
C ASP C 291 -9.80 38.11 27.06
N LEU C 292 -10.52 38.66 28.02
CA LEU C 292 -11.95 38.92 27.81
C LEU C 292 -12.19 40.04 26.78
N ILE C 293 -11.54 41.18 27.00
CA ILE C 293 -11.86 42.41 26.26
C ILE C 293 -11.16 42.54 24.89
N ARG C 294 -10.08 41.79 24.65
CA ARG C 294 -9.38 41.88 23.37
C ARG C 294 -8.83 40.53 22.91
N ARG C 295 -9.49 39.94 21.89
CA ARG C 295 -9.17 38.62 21.31
C ARG C 295 -7.68 38.30 21.37
N ASP C 296 -6.91 39.24 20.82
CA ASP C 296 -5.45 39.22 20.66
C ASP C 296 -4.66 38.42 21.72
N ILE C 297 -4.94 38.69 23.00
CA ILE C 297 -4.05 38.41 24.11
C ILE C 297 -4.23 37.01 24.76
N LEU C 298 -3.13 36.26 24.90
CA LEU C 298 -3.10 34.99 25.64
C LEU C 298 -2.24 35.09 26.90
N TYR C 299 -2.71 34.45 27.96
CA TYR C 299 -1.94 34.26 29.19
C TYR C 299 -1.58 32.77 29.38
N TYR C 300 -0.31 32.51 29.65
CA TYR C 300 0.18 31.19 30.00
C TYR C 300 -0.56 30.62 31.21
N LYS C 301 -0.96 29.36 31.13
CA LYS C 301 -1.75 28.71 32.19
C LYS C 301 -1.25 27.31 32.58
N GLY C 302 -0.28 26.79 31.85
CA GLY C 302 0.36 25.52 32.18
C GLY C 302 0.72 24.71 30.95
N ARG C 303 1.20 23.51 31.18
CA ARG C 303 1.47 22.59 30.14
C ARG C 303 1.46 21.18 30.66
N ILE C 304 1.44 20.27 29.71
CA ILE C 304 1.32 18.84 29.96
C ILE C 304 2.46 18.15 29.20
N ASP C 305 3.20 17.27 29.83
CA ASP C 305 4.27 16.53 29.15
C ASP C 305 3.65 15.35 28.44
N MET C 306 3.57 15.43 27.12
CA MET C 306 2.87 14.39 26.36
C MET C 306 3.53 13.00 26.40
N ASP C 307 4.81 12.92 26.71
CA ASP C 307 5.52 11.65 26.85
C ASP C 307 4.86 10.78 27.94
N LYS C 308 4.18 11.40 28.89
CA LYS C 308 3.65 10.72 30.07
C LYS C 308 2.13 10.45 29.96
N TYR C 309 1.49 10.81 28.84
CA TYR C 309 0.03 10.78 28.74
C TYR C 309 -0.43 10.01 27.54
N GLU C 310 -1.49 9.23 27.71
CA GLU C 310 -2.11 8.62 26.54
C GLU C 310 -3.55 9.08 26.44
N VAL C 311 -4.05 8.93 25.24
CA VAL C 311 -5.39 9.36 24.92
C VAL C 311 -6.38 8.27 25.17
N ILE C 312 -7.44 8.58 25.89
CA ILE C 312 -8.61 7.70 26.03
C ILE C 312 -9.83 8.35 25.35
N ASP C 313 -10.24 7.76 24.25
CA ASP C 313 -11.39 8.24 23.49
C ASP C 313 -12.61 7.73 24.20
N ILE C 314 -13.52 8.64 24.62
CA ILE C 314 -14.76 8.24 25.27
C ILE C 314 -16.01 8.60 24.48
N GLU C 315 -17.06 7.83 24.68
CA GLU C 315 -18.31 8.02 23.97
C GLU C 315 -19.13 9.18 24.62
N ASP C 316 -20.03 9.82 23.86
CA ASP C 316 -20.93 10.80 24.47
C ASP C 316 -21.72 10.17 25.65
N GLY C 317 -21.95 10.96 26.70
CA GLY C 317 -22.70 10.49 27.85
C GLY C 317 -21.98 10.76 29.13
N ARG C 318 -22.34 9.97 30.14
CA ARG C 318 -21.83 10.11 31.51
C ARG C 318 -20.53 9.40 31.54
N ASP C 319 -19.44 10.10 31.84
CA ASP C 319 -18.17 9.43 32.07
C ASP C 319 -18.11 8.95 33.52
N ASP C 320 -17.56 7.76 33.75
CA ASP C 320 -17.53 7.12 35.09
C ASP C 320 -16.62 7.84 36.13
N ASP C 321 -15.40 8.24 35.74
CA ASP C 321 -14.42 8.96 36.61
C ASP C 321 -14.87 10.42 36.96
N PHE C 322 -15.34 11.18 35.97
CA PHE C 322 -15.68 12.59 36.16
C PHE C 322 -17.15 12.77 36.59
N ASN C 323 -17.95 11.73 36.30
CA ASN C 323 -19.41 11.69 36.55
C ASN C 323 -20.13 12.97 36.16
N VAL C 324 -19.86 13.36 34.92
CA VAL C 324 -20.41 14.53 34.33
C VAL C 324 -20.73 14.14 32.87
N SER C 325 -21.72 14.72 32.26
CA SER C 325 -22.15 14.17 30.99
C SER C 325 -21.52 15.03 29.93
N MET C 326 -21.15 14.44 28.84
CA MET C 326 -20.19 15.05 27.96
C MET C 326 -20.48 14.65 26.52
N LYS C 327 -20.17 15.54 25.59
CA LYS C 327 -20.13 15.15 24.19
C LYS C 327 -18.85 15.69 23.58
N ASN C 328 -18.43 15.04 22.50
CA ASN C 328 -17.16 15.31 21.84
C ASN C 328 -15.96 15.40 22.77
N ALA C 329 -15.80 14.36 23.55
CA ALA C 329 -14.86 14.30 24.60
C ALA C 329 -13.79 13.16 24.46
N PHE C 330 -12.63 13.44 25.07
CA PHE C 330 -11.62 12.44 25.32
C PHE C 330 -10.89 12.78 26.66
N LYS C 331 -10.15 11.83 27.18
CA LYS C 331 -9.27 12.03 28.30
C LYS C 331 -7.79 11.87 27.96
N LEU C 332 -6.98 12.53 28.74
CA LEU C 332 -5.56 12.26 28.74
C LEU C 332 -5.31 11.63 30.09
N HIS C 333 -4.72 10.46 30.05
CA HIS C 333 -4.40 9.71 31.23
C HIS C 333 -2.91 9.51 31.39
N ASN C 334 -2.39 9.94 32.53
CA ASN C 334 -0.99 9.68 32.89
C ASN C 334 -0.71 8.18 32.93
N LYS C 335 0.42 7.78 32.38
CA LYS C 335 0.75 6.38 32.26
C LYS C 335 1.23 5.90 33.61
N GLU C 336 2.26 6.57 34.14
CA GLU C 336 3.00 6.10 35.32
C GLU C 336 2.33 6.51 36.64
N THR C 337 1.16 7.16 36.51
CA THR C 337 0.22 7.41 37.61
C THR C 337 -1.25 7.24 37.09
N GLU C 338 -2.08 8.28 37.11
CA GLU C 338 -3.52 8.18 37.44
C GLU C 338 -4.27 9.53 37.45
N GLU C 339 -3.51 10.59 37.48
CA GLU C 339 -3.97 11.84 36.97
C GLU C 339 -4.72 11.52 35.64
N VAL C 340 -5.84 12.19 35.46
CA VAL C 340 -6.62 12.07 34.24
C VAL C 340 -7.25 13.42 34.05
N HIS C 341 -7.21 13.93 32.81
CA HIS C 341 -7.84 15.19 32.51
C HIS C 341 -8.86 14.89 31.48
N LEU C 342 -9.96 15.65 31.52
CA LEU C 342 -11.03 15.51 30.60
C LEU C 342 -11.05 16.70 29.64
N PHE C 343 -11.27 16.44 28.36
CA PHE C 343 -11.36 17.51 27.38
C PHE C 343 -12.62 17.35 26.61
N PHE C 344 -13.24 18.45 26.21
CA PHE C 344 -14.38 18.35 25.37
C PHE C 344 -14.37 19.51 24.35
N ALA C 345 -14.75 19.24 23.13
CA ALA C 345 -14.81 20.24 22.10
C ALA C 345 -16.28 20.54 21.79
N LYS C 346 -16.57 21.76 21.37
CA LYS C 346 -17.92 22.11 20.97
C LYS C 346 -18.43 21.27 19.74
N LYS C 347 -17.55 20.77 18.89
CA LYS C 347 -17.98 20.03 17.68
C LYS C 347 -17.19 18.74 17.46
N LEU C 348 -17.84 17.76 16.84
CA LEU C 348 -17.26 16.44 16.54
C LEU C 348 -16.00 16.56 15.72
N GLU C 349 -16.10 17.36 14.68
CA GLU C 349 -15.02 17.60 13.76
C GLU C 349 -13.78 17.97 14.51
N GLU C 350 -13.94 18.79 15.52
CA GLU C 350 -12.82 19.28 16.25
C GLU C 350 -12.24 18.23 17.18
N LYS C 351 -13.08 17.42 17.84
CA LYS C 351 -12.59 16.22 18.53
C LYS C 351 -11.77 15.32 17.58
N ILE C 352 -12.26 15.11 16.38
CA ILE C 352 -11.59 14.23 15.46
C ILE C 352 -10.18 14.79 15.14
N ARG C 353 -10.06 16.10 15.02
CA ARG C 353 -8.79 16.69 14.69
C ARG C 353 -7.80 16.60 15.85
N TRP C 354 -8.27 16.74 17.08
CA TRP C 354 -7.41 16.47 18.20
C TRP C 354 -6.96 14.99 18.25
N LEU C 355 -7.82 14.03 18.00
CA LEU C 355 -7.36 12.63 18.13
C LEU C 355 -6.27 12.28 17.08
N ARG C 356 -6.46 12.79 15.88
CA ARG C 356 -5.45 12.70 14.86
C ARG C 356 -4.16 13.39 15.27
N ALA C 357 -4.25 14.61 15.78
CA ALA C 357 -3.05 15.29 16.21
C ALA C 357 -2.28 14.53 17.28
N PHE C 358 -2.95 13.90 18.24
CA PHE C 358 -2.21 13.18 19.27
C PHE C 358 -1.49 12.01 18.63
N ARG C 359 -2.06 11.37 17.60
CA ARG C 359 -1.34 10.27 16.90
C ARG C 359 -0.14 10.84 16.14
N GLU C 360 -0.32 11.99 15.53
CA GLU C 360 0.71 12.60 14.77
C GLU C 360 1.86 12.95 15.69
N GLU C 361 1.57 13.44 16.91
CA GLU C 361 2.63 13.83 17.80
C GLU C 361 3.50 12.65 18.19
N ARG C 362 2.88 11.53 18.47
CA ARG C 362 3.64 10.33 18.83
C ARG C 362 4.43 9.80 17.64
N LYS C 363 3.83 9.83 16.46
CA LYS C 363 4.55 9.41 15.26
C LYS C 363 5.77 10.32 14.99
N MET C 364 5.65 11.63 15.21
CA MET C 364 6.78 12.54 14.96
C MET C 364 7.89 12.33 15.95
N VAL C 365 7.54 12.15 17.22
CA VAL C 365 8.55 11.99 18.23
C VAL C 365 9.31 10.65 17.96
N GLN C 366 8.59 9.63 17.56
CA GLN C 366 9.20 8.33 17.27
C GLN C 366 10.10 8.37 16.02
N GLU C 367 9.66 9.06 14.98
CA GLU C 367 10.50 9.17 13.79
C GLU C 367 11.74 10.04 14.13
N ASP C 368 11.57 11.10 14.90
CA ASP C 368 12.72 11.91 15.34
C ASP C 368 13.73 11.09 16.07
N GLU C 369 13.31 10.15 16.88
CA GLU C 369 14.29 9.38 17.66
C GLU C 369 14.98 8.30 16.81
N LYS C 370 14.30 7.71 15.81
CA LYS C 370 15.02 6.85 14.85
C LYS C 370 16.08 7.63 13.98
N ILE C 371 15.77 8.85 13.60
CA ILE C 371 16.67 9.66 12.81
C ILE C 371 17.80 10.18 13.69
N GLY C 372 17.56 10.36 14.98
CA GLY C 372 18.51 11.04 15.87
C GLY C 372 18.40 12.56 15.77
N PHE C 373 17.22 13.07 15.44
CA PHE C 373 17.13 14.47 15.12
C PHE C 373 16.86 15.25 16.40
N GLU C 374 17.65 16.26 16.64
CA GLU C 374 17.26 17.26 17.59
C GLU C 374 17.97 18.58 17.30
N ILE C 375 17.43 19.65 17.83
CA ILE C 375 17.99 20.96 17.70
C ILE C 375 19.20 21.03 18.65
N SER C 376 20.32 21.59 18.17
CA SER C 376 21.58 21.74 18.94
C SER C 376 21.48 22.94 19.87
N GLU C 377 22.15 22.90 21.03
CA GLU C 377 21.96 23.99 22.01
C GLU C 377 22.33 25.35 21.35
N ASN C 378 23.32 25.31 20.47
CA ASN C 378 23.69 26.50 19.68
C ASN C 378 22.54 27.02 18.83
N GLN C 379 21.93 26.09 18.07
CA GLN C 379 20.75 26.39 17.26
C GLN C 379 19.64 27.00 18.12
N LYS C 380 19.42 26.45 19.31
CA LYS C 380 18.45 27.00 20.27
C LYS C 380 18.75 28.44 20.68
N ARG C 381 20.03 28.75 20.89
CA ARG C 381 20.48 30.09 21.33
C ARG C 381 20.28 31.12 20.22
N GLN C 382 20.72 30.78 19.00
CA GLN C 382 20.51 31.57 17.79
C GLN C 382 19.01 31.92 17.56
N ALA C 383 18.09 30.96 17.80
CA ALA C 383 16.64 31.23 17.72
C ALA C 383 16.14 32.19 18.82
N ALA C 384 16.63 32.00 20.04
CA ALA C 384 16.24 32.81 21.19
C ALA C 384 16.80 34.26 21.17
N MET C 385 17.66 34.56 20.19
CA MET C 385 18.23 35.88 19.93
C MET C 385 17.50 36.58 18.78
N THR C 386 16.70 35.82 18.05
CA THR C 386 15.76 36.37 17.10
C THR C 386 14.68 37.23 17.81
N VAL C 387 14.56 37.07 19.13
CA VAL C 387 13.54 37.77 19.93
C VAL C 387 14.03 39.11 20.45
N ARG C 388 13.62 40.19 19.78
CA ARG C 388 14.25 41.52 19.90
C ARG C 388 13.44 42.49 20.76
N GLY D 1 42.67 28.06 -5.62
CA GLY D 1 43.10 27.08 -6.67
C GLY D 1 44.49 27.35 -7.23
N SER D 2 45.43 27.58 -6.32
CA SER D 2 46.77 28.12 -6.59
C SER D 2 46.68 29.61 -6.24
N HIS D 3 47.51 30.47 -6.85
CA HIS D 3 47.23 31.91 -6.81
C HIS D 3 46.03 32.28 -7.74
N MET D 4 45.36 31.26 -8.32
CA MET D 4 44.29 31.46 -9.33
C MET D 4 42.97 30.76 -8.89
N GLN D 5 41.97 31.54 -8.52
CA GLN D 5 40.77 30.98 -7.92
C GLN D 5 39.91 30.32 -8.98
N THR D 6 39.46 29.13 -8.66
CA THR D 6 38.54 28.42 -9.49
C THR D 6 37.20 29.18 -9.54
N ILE D 7 36.61 29.31 -10.73
CA ILE D 7 35.31 29.92 -10.93
C ILE D 7 34.19 28.84 -10.70
N LYS D 8 33.33 28.97 -9.70
CA LYS D 8 32.30 27.94 -9.46
C LYS D 8 31.12 28.19 -10.32
N CYS D 9 30.79 27.24 -11.17
CA CYS D 9 29.66 27.35 -12.06
C CYS D 9 28.62 26.26 -11.67
N VAL D 10 27.39 26.67 -11.31
CA VAL D 10 26.30 25.73 -10.92
C VAL D 10 25.22 25.68 -11.99
N VAL D 11 24.95 24.49 -12.51
CA VAL D 11 23.86 24.24 -13.44
C VAL D 11 22.52 23.83 -12.77
N VAL D 12 21.48 24.65 -12.95
CA VAL D 12 20.21 24.42 -12.33
C VAL D 12 19.15 24.31 -13.36
N GLY D 13 17.99 23.79 -12.99
CA GLY D 13 16.86 23.66 -13.92
C GLY D 13 16.14 22.37 -13.72
N ASP D 14 15.07 22.11 -14.47
CA ASP D 14 14.20 20.97 -14.21
C ASP D 14 15.00 19.71 -14.55
N GLY D 15 14.64 18.58 -13.98
CA GLY D 15 15.34 17.33 -14.31
C GLY D 15 14.89 16.99 -15.71
N ALA D 16 15.67 16.27 -16.42
CA ALA D 16 15.15 15.99 -17.79
C ALA D 16 15.17 17.17 -18.76
N VAL D 17 15.86 18.25 -18.43
CA VAL D 17 16.31 19.19 -19.47
C VAL D 17 17.74 18.84 -19.90
N GLY D 18 18.25 17.73 -19.35
CA GLY D 18 19.51 17.16 -19.79
C GLY D 18 20.72 17.88 -19.23
N LYS D 19 20.61 18.33 -17.98
CA LYS D 19 21.74 19.00 -17.32
C LYS D 19 23.00 18.16 -17.27
N THR D 20 22.84 16.92 -16.82
CA THR D 20 23.98 16.00 -16.63
C THR D 20 24.61 15.63 -17.96
N CYS D 21 23.77 15.29 -18.94
CA CYS D 21 24.26 14.95 -20.26
C CYS D 21 25.11 16.11 -20.86
N LEU D 22 24.65 17.32 -20.69
CA LEU D 22 25.36 18.48 -21.18
C LEU D 22 26.77 18.68 -20.54
N LEU D 23 26.87 18.48 -19.23
CA LEU D 23 28.16 18.55 -18.51
C LEU D 23 29.12 17.39 -18.94
N ILE D 24 28.57 16.22 -19.12
CA ILE D 24 29.38 15.08 -19.62
C ILE D 24 29.83 15.27 -21.03
N SER D 25 28.95 15.73 -21.90
CA SER D 25 29.28 15.95 -23.30
C SER D 25 30.36 16.99 -23.38
N TYR D 26 30.32 18.02 -22.54
CA TYR D 26 31.27 19.07 -22.57
C TYR D 26 32.65 18.61 -22.01
N THR D 27 32.66 17.86 -20.93
CA THR D 27 33.92 17.52 -20.27
C THR D 27 34.64 16.34 -20.94
N THR D 28 33.91 15.40 -21.52
CA THR D 28 34.54 14.32 -22.29
C THR D 28 34.72 14.61 -23.77
N ASN D 29 34.23 15.75 -24.20
CA ASN D 29 34.32 16.22 -25.56
C ASN D 29 33.61 15.31 -26.57
N LYS D 30 32.65 14.53 -26.09
CA LYS D 30 31.76 13.78 -26.96
C LYS D 30 30.47 13.36 -26.25
N PHE D 31 29.47 13.06 -27.07
CA PHE D 31 28.22 12.62 -26.54
C PHE D 31 28.49 11.21 -26.11
N PRO D 32 28.02 10.85 -24.92
CA PRO D 32 28.15 9.47 -24.43
C PRO D 32 27.00 8.60 -24.97
N SER D 33 27.15 8.13 -26.21
CA SER D 33 26.09 7.37 -26.92
C SER D 33 25.81 6.00 -26.32
N GLU D 34 26.84 5.33 -25.78
CA GLU D 34 26.64 3.99 -25.21
C GLU D 34 25.76 4.04 -23.97
N TYR D 35 26.06 5.04 -23.13
CA TYR D 35 25.53 5.11 -21.76
C TYR D 35 25.69 6.49 -21.23
N VAL D 36 24.56 7.14 -20.95
CA VAL D 36 24.55 8.49 -20.36
C VAL D 36 24.65 8.31 -18.83
N PRO D 37 25.76 8.72 -18.22
CA PRO D 37 25.89 8.49 -16.78
C PRO D 37 24.80 9.30 -16.02
N THR D 38 24.32 8.76 -14.93
CA THR D 38 23.40 9.46 -14.08
C THR D 38 24.11 10.50 -13.25
N VAL D 39 25.37 10.25 -12.96
CA VAL D 39 26.11 11.08 -12.02
C VAL D 39 27.22 11.84 -12.69
N PHE D 40 27.29 13.12 -12.41
CA PHE D 40 28.40 13.97 -12.75
C PHE D 40 28.98 14.50 -11.38
N ASP D 41 30.14 14.07 -10.99
CA ASP D 41 30.88 14.56 -9.81
C ASP D 41 31.53 15.92 -10.12
N ASN D 42 31.53 16.85 -9.15
CA ASN D 42 32.16 18.15 -9.25
C ASN D 42 33.45 17.99 -9.99
N TYR D 43 33.72 18.87 -10.94
CA TYR D 43 34.81 18.65 -11.84
C TYR D 43 35.42 19.95 -12.25
N ALA D 44 36.74 20.03 -12.19
CA ALA D 44 37.49 21.24 -12.66
C ALA D 44 38.02 21.09 -14.07
N VAL D 45 37.80 22.10 -14.89
CA VAL D 45 38.38 22.04 -16.21
C VAL D 45 39.12 23.34 -16.48
N THR D 46 40.27 23.26 -17.15
CA THR D 46 41.01 24.42 -17.63
C THR D 46 40.59 24.81 -19.06
N VAL D 47 40.18 26.05 -19.23
CA VAL D 47 39.67 26.62 -20.47
C VAL D 47 40.61 27.77 -20.84
N MET D 48 41.07 27.80 -22.07
CA MET D 48 41.87 28.94 -22.57
C MET D 48 40.96 30.01 -23.14
N ILE D 49 40.90 31.17 -22.51
CA ILE D 49 40.21 32.33 -23.08
C ILE D 49 41.24 33.48 -23.20
N GLY D 50 41.37 34.02 -24.39
CA GLY D 50 42.26 35.10 -24.65
C GLY D 50 43.66 34.68 -24.39
N GLY D 51 44.00 33.46 -24.78
CA GLY D 51 45.33 32.91 -24.62
C GLY D 51 45.73 32.67 -23.19
N GLU D 52 44.81 32.71 -22.24
CA GLU D 52 45.13 32.54 -20.85
C GLU D 52 44.22 31.52 -20.18
N PRO D 53 44.79 30.75 -19.25
CA PRO D 53 44.03 29.69 -18.61
C PRO D 53 43.11 30.16 -17.50
N TYR D 54 41.92 29.60 -17.47
CA TYR D 54 40.96 29.81 -16.40
C TYR D 54 40.45 28.43 -15.97
N THR D 55 40.33 28.19 -14.67
CA THR D 55 39.82 26.93 -14.09
C THR D 55 38.37 27.13 -13.80
N LEU D 56 37.54 26.32 -14.38
CA LEU D 56 36.10 26.36 -14.16
C LEU D 56 35.68 25.15 -13.38
N GLY D 57 35.04 25.36 -12.23
CA GLY D 57 34.54 24.27 -11.39
C GLY D 57 33.07 24.06 -11.64
N LEU D 58 32.73 22.90 -12.14
CA LEU D 58 31.39 22.57 -12.59
C LEU D 58 30.70 21.70 -11.58
N PHE D 59 29.50 22.14 -11.24
CA PHE D 59 28.67 21.48 -10.28
C PHE D 59 27.29 21.19 -10.90
N ASP D 60 26.86 19.95 -10.85
CA ASP D 60 25.54 19.50 -11.31
C ASP D 60 24.65 19.56 -10.11
N THR D 61 23.35 19.61 -10.33
CA THR D 61 22.37 19.58 -9.22
C THR D 61 21.32 18.50 -9.42
N ALA D 62 21.54 17.55 -10.31
CA ALA D 62 20.57 16.49 -10.59
C ALA D 62 20.21 15.67 -9.37
N GLY D 63 18.91 15.40 -9.24
CA GLY D 63 18.35 14.72 -8.10
C GLY D 63 17.94 15.65 -6.96
N GLN D 64 18.34 16.92 -7.01
CA GLN D 64 18.01 17.89 -5.95
C GLN D 64 16.77 18.73 -6.20
N GLU D 65 16.18 18.57 -7.36
CA GLU D 65 15.19 19.56 -7.86
C GLU D 65 13.94 19.60 -7.01
N ASP D 66 13.54 18.47 -6.46
CA ASP D 66 12.33 18.39 -5.65
C ASP D 66 12.54 18.61 -4.13
N TYR D 67 13.77 18.90 -3.70
CA TYR D 67 14.03 19.10 -2.28
C TYR D 67 14.38 20.51 -1.95
N ASP D 68 13.36 21.29 -1.63
CA ASP D 68 13.49 22.76 -1.58
C ASP D 68 14.49 23.29 -0.55
N ARG D 69 14.78 22.53 0.48
CA ARG D 69 15.66 23.01 1.51
C ARG D 69 17.05 22.49 1.32
N LEU D 70 17.22 21.47 0.47
CA LEU D 70 18.51 20.87 0.30
C LEU D 70 19.16 21.53 -0.88
N ARG D 71 18.40 21.84 -1.90
CA ARG D 71 18.99 22.36 -3.12
C ARG D 71 19.71 23.70 -2.97
N PRO D 72 19.27 24.60 -2.09
CA PRO D 72 20.04 25.84 -1.92
C PRO D 72 21.44 25.67 -1.29
N LEU D 73 21.77 24.46 -0.80
CA LEU D 73 23.07 24.28 -0.16
C LEU D 73 24.18 24.38 -1.16
N SER D 74 23.86 24.19 -2.43
CA SER D 74 24.82 24.32 -3.48
C SER D 74 25.14 25.74 -3.86
N TYR D 75 24.33 26.70 -3.44
CA TYR D 75 24.43 28.03 -3.98
C TYR D 75 25.54 28.91 -3.38
N PRO D 76 25.80 28.89 -2.09
CA PRO D 76 26.91 29.73 -1.57
C PRO D 76 28.25 29.52 -2.32
N GLN D 77 28.93 30.64 -2.53
CA GLN D 77 30.25 30.73 -3.21
C GLN D 77 30.19 30.54 -4.73
N THR D 78 29.00 30.50 -5.31
CA THR D 78 28.82 30.37 -6.77
C THR D 78 29.22 31.68 -7.44
N ASP D 79 29.90 31.60 -8.58
CA ASP D 79 30.30 32.82 -9.29
C ASP D 79 29.42 33.03 -10.55
N VAL D 80 28.82 31.95 -11.06
CA VAL D 80 27.85 32.06 -12.15
C VAL D 80 26.97 30.87 -12.17
N PHE D 81 25.71 31.09 -12.47
CA PHE D 81 24.72 30.04 -12.63
C PHE D 81 24.38 29.86 -14.08
N LEU D 82 24.16 28.62 -14.47
CA LEU D 82 23.57 28.34 -15.72
C LEU D 82 22.20 27.81 -15.46
N VAL D 83 21.20 28.55 -15.94
CA VAL D 83 19.77 28.25 -15.72
C VAL D 83 19.21 27.69 -16.99
N CYS D 84 18.96 26.40 -16.97
CA CYS D 84 18.68 25.60 -18.14
C CYS D 84 17.22 25.26 -18.26
N PHE D 85 16.71 25.29 -19.49
CA PHE D 85 15.43 24.65 -19.82
C PHE D 85 15.62 23.97 -21.14
N SER D 86 14.71 23.07 -21.46
CA SER D 86 14.74 22.46 -22.79
C SER D 86 13.78 23.18 -23.71
N VAL D 87 14.26 23.46 -24.92
CA VAL D 87 13.49 24.23 -25.85
C VAL D 87 12.34 23.43 -26.37
N VAL D 88 12.29 22.13 -26.12
CA VAL D 88 11.09 21.38 -26.51
C VAL D 88 10.25 20.98 -25.32
N SER D 89 10.44 21.67 -24.19
CA SER D 89 9.63 21.50 -23.01
C SER D 89 9.23 22.89 -22.46
N PRO D 90 8.04 23.36 -22.86
CA PRO D 90 7.42 24.58 -22.31
C PRO D 90 7.24 24.66 -20.79
N SER D 91 6.97 23.56 -20.07
CA SER D 91 6.93 23.62 -18.61
C SER D 91 8.29 23.91 -17.99
N SER D 92 9.38 23.38 -18.55
CA SER D 92 10.70 23.67 -18.00
C SER D 92 11.02 25.14 -18.22
N PHE D 93 10.54 25.72 -19.30
CA PHE D 93 10.76 27.15 -19.58
C PHE D 93 9.97 28.04 -18.54
N GLU D 94 8.71 27.68 -18.31
CA GLU D 94 7.91 28.33 -17.29
C GLU D 94 8.50 28.20 -15.86
N ASN D 95 9.06 27.03 -15.53
CA ASN D 95 9.76 26.83 -14.27
C ASN D 95 10.97 27.74 -14.14
N VAL D 96 11.61 28.11 -15.25
CA VAL D 96 12.72 29.05 -15.18
C VAL D 96 12.28 30.40 -14.58
N LYS D 97 11.14 30.90 -15.06
CA LYS D 97 10.56 32.18 -14.65
C LYS D 97 9.94 32.18 -13.27
N GLU D 98 9.24 31.08 -12.93
CA GLU D 98 8.48 30.99 -11.71
C GLU D 98 9.26 30.37 -10.55
N LYS D 99 10.12 29.41 -10.87
CA LYS D 99 10.89 28.74 -9.83
C LYS D 99 12.37 29.14 -9.74
N TRP D 100 13.15 28.83 -10.77
CA TRP D 100 14.61 28.84 -10.66
C TRP D 100 15.17 30.23 -10.54
N VAL D 101 14.78 31.12 -11.45
CA VAL D 101 15.32 32.46 -11.33
C VAL D 101 14.94 33.12 -10.01
N PRO D 102 13.68 33.11 -9.61
CA PRO D 102 13.34 33.62 -8.29
C PRO D 102 14.14 33.08 -7.11
N GLU D 103 14.39 31.76 -7.12
CA GLU D 103 15.07 31.16 -6.00
C GLU D 103 16.53 31.54 -6.09
N ILE D 104 17.16 31.36 -7.22
CA ILE D 104 18.57 31.65 -7.24
C ILE D 104 18.83 33.13 -6.97
N THR D 105 17.98 34.02 -7.46
CA THR D 105 18.25 35.41 -7.19
C THR D 105 17.86 35.82 -5.78
N HIS D 106 17.00 35.06 -5.10
CA HIS D 106 16.78 35.31 -3.69
C HIS D 106 18.04 35.00 -2.91
N HIS D 107 18.68 33.83 -3.17
CA HIS D 107 19.81 33.43 -2.41
C HIS D 107 21.06 34.20 -2.80
N CYS D 108 21.19 34.60 -4.05
CA CYS D 108 22.45 35.13 -4.55
C CYS D 108 22.09 36.36 -5.37
N PRO D 109 21.73 37.48 -4.76
CA PRO D 109 21.17 38.59 -5.54
C PRO D 109 22.14 39.26 -6.52
N LYS D 110 23.44 39.11 -6.37
CA LYS D 110 24.37 39.81 -7.24
C LYS D 110 25.17 38.87 -8.14
N THR D 111 24.82 37.59 -8.14
CA THR D 111 25.55 36.60 -8.93
C THR D 111 24.95 36.48 -10.34
N PRO D 112 25.76 36.62 -11.35
CA PRO D 112 25.29 36.52 -12.73
C PRO D 112 24.79 35.16 -13.10
N PHE D 113 23.83 35.16 -14.01
CA PHE D 113 23.30 33.92 -14.52
C PHE D 113 23.06 33.97 -16.01
N LEU D 114 23.30 32.86 -16.69
CA LEU D 114 22.97 32.78 -18.13
C LEU D 114 21.71 31.99 -18.22
N LEU D 115 20.85 32.37 -19.13
CA LEU D 115 19.75 31.51 -19.56
C LEU D 115 20.24 30.57 -20.69
N VAL D 116 20.09 29.26 -20.49
CA VAL D 116 20.57 28.27 -21.41
C VAL D 116 19.47 27.37 -21.95
N GLY D 117 19.22 27.40 -23.24
CA GLY D 117 18.30 26.50 -23.87
C GLY D 117 19.04 25.25 -24.28
N THR D 118 18.55 24.06 -23.90
CA THR D 118 19.07 22.74 -24.34
C THR D 118 18.20 22.00 -25.27
N GLN D 119 18.77 20.91 -25.77
CA GLN D 119 18.08 19.96 -26.66
C GLN D 119 17.60 20.60 -27.94
N ILE D 120 18.38 21.57 -28.45
CA ILE D 120 17.97 22.28 -29.62
C ILE D 120 17.93 21.38 -30.87
N ASP D 121 18.71 20.28 -30.88
CA ASP D 121 18.60 19.31 -31.96
C ASP D 121 17.14 18.75 -32.11
N LEU D 122 16.35 18.72 -31.05
CA LEU D 122 15.00 18.17 -31.13
C LEU D 122 13.97 19.16 -31.62
N ARG D 123 14.36 20.41 -31.88
CA ARG D 123 13.41 21.45 -32.16
C ARG D 123 12.62 21.24 -33.46
N ASP D 124 13.18 20.45 -34.38
CA ASP D 124 12.43 19.97 -35.51
C ASP D 124 12.78 18.49 -35.74
N ASP D 125 12.70 17.71 -34.66
CA ASP D 125 12.61 16.25 -34.75
C ASP D 125 11.12 16.01 -34.95
N PRO D 126 10.74 15.29 -36.02
CA PRO D 126 9.33 15.03 -36.35
C PRO D 126 8.49 14.51 -35.19
N SER D 127 8.88 13.41 -34.55
CA SER D 127 8.15 12.93 -33.37
C SER D 127 7.86 14.06 -32.37
N THR D 128 8.91 14.79 -31.96
CA THR D 128 8.82 15.75 -30.85
C THR D 128 7.79 16.80 -31.13
N ILE D 129 7.81 17.38 -32.33
CA ILE D 129 6.81 18.41 -32.66
C ILE D 129 5.37 17.86 -32.62
N GLU D 130 5.15 16.61 -33.04
CA GLU D 130 3.80 16.02 -33.02
C GLU D 130 3.31 15.74 -31.59
N LYS D 131 4.19 15.18 -30.76
CA LYS D 131 3.90 14.96 -29.34
C LYS D 131 3.54 16.26 -28.61
N LEU D 132 4.30 17.32 -28.88
CA LEU D 132 3.98 18.64 -28.35
C LEU D 132 2.62 19.12 -28.85
N ALA D 133 2.35 18.94 -30.13
CA ALA D 133 1.08 19.34 -30.73
C ALA D 133 -0.15 18.63 -30.14
N LYS D 134 0.03 17.41 -29.60
CA LYS D 134 -1.06 16.70 -28.91
C LYS D 134 -1.48 17.40 -27.61
N ASN D 135 -0.54 18.04 -26.91
CA ASN D 135 -0.86 18.82 -25.72
C ASN D 135 -1.09 20.31 -26.04
N LYS D 136 -1.31 20.62 -27.31
CA LYS D 136 -1.44 21.99 -27.79
C LYS D 136 -0.21 22.87 -27.52
N GLN D 137 0.99 22.30 -27.61
CA GLN D 137 2.25 23.04 -27.36
C GLN D 137 3.13 23.17 -28.60
N LYS D 138 4.22 23.93 -28.44
CA LYS D 138 5.24 24.01 -29.47
C LYS D 138 6.61 24.41 -28.91
N PRO D 139 7.68 24.12 -29.64
CA PRO D 139 9.02 24.44 -29.16
C PRO D 139 9.16 25.92 -28.77
N ILE D 140 10.01 26.23 -27.83
CA ILE D 140 10.34 27.60 -27.56
C ILE D 140 11.31 28.12 -28.61
N THR D 141 10.95 29.25 -29.16
CA THR D 141 11.75 29.88 -30.19
C THR D 141 12.80 30.78 -29.54
N PRO D 142 13.87 31.11 -30.23
CA PRO D 142 14.87 32.00 -29.65
C PRO D 142 14.35 33.45 -29.38
N GLU D 143 13.46 34.05 -30.16
CA GLU D 143 12.97 35.35 -29.69
C GLU D 143 12.22 35.27 -28.35
N THR D 144 11.45 34.19 -28.11
CA THR D 144 10.71 34.04 -26.88
C THR D 144 11.67 33.92 -25.70
N ALA D 145 12.67 33.07 -25.84
CA ALA D 145 13.71 32.94 -24.81
C ALA D 145 14.53 34.20 -24.60
N GLU D 146 14.90 34.93 -25.66
CA GLU D 146 15.68 36.16 -25.51
C GLU D 146 14.83 37.21 -24.75
N LYS D 147 13.54 37.23 -24.97
CA LYS D 147 12.68 38.13 -24.23
C LYS D 147 12.70 37.85 -22.72
N LEU D 148 12.61 36.58 -22.34
CA LEU D 148 12.68 36.24 -20.96
C LEU D 148 14.04 36.62 -20.40
N ALA D 149 15.09 36.35 -21.18
CA ALA D 149 16.44 36.69 -20.71
C ALA D 149 16.52 38.16 -20.39
N ARG D 150 15.90 39.01 -21.22
CA ARG D 150 15.94 40.46 -20.99
C ARG D 150 15.15 40.84 -19.76
N ASP D 151 13.92 40.33 -19.68
CA ASP D 151 13.03 40.64 -18.58
C ASP D 151 13.62 40.20 -17.22
N LEU D 152 14.32 39.06 -17.15
CA LEU D 152 14.83 38.54 -15.90
C LEU D 152 16.25 38.97 -15.64
N LYS D 153 16.85 39.76 -16.56
CA LYS D 153 18.22 40.29 -16.42
C LYS D 153 19.28 39.24 -16.40
N ALA D 154 19.10 38.19 -17.20
CA ALA D 154 20.18 37.25 -17.46
C ALA D 154 21.31 37.99 -18.22
N VAL D 155 22.56 37.55 -18.09
CA VAL D 155 23.65 38.17 -18.82
C VAL D 155 23.41 37.90 -20.30
N LYS D 156 23.03 36.68 -20.63
CA LYS D 156 22.52 36.42 -21.96
C LYS D 156 21.84 35.12 -22.10
N TYR D 157 21.26 34.94 -23.29
CA TYR D 157 20.64 33.67 -23.67
C TYR D 157 21.56 32.97 -24.64
N VAL D 158 21.89 31.71 -24.36
CA VAL D 158 22.69 30.88 -25.21
C VAL D 158 21.95 29.56 -25.32
N GLU D 159 22.04 28.91 -26.49
CA GLU D 159 21.51 27.59 -26.63
C GLU D 159 22.54 26.55 -27.06
N CYS D 160 22.20 25.29 -26.90
CA CYS D 160 23.16 24.25 -27.19
C CYS D 160 22.51 22.88 -27.27
N SER D 161 23.22 21.92 -27.91
CA SER D 161 22.87 20.53 -28.06
C SER D 161 24.04 19.72 -27.46
N ALA D 162 23.72 18.88 -26.49
CA ALA D 162 24.70 17.97 -25.89
C ALA D 162 25.03 16.89 -26.92
N LEU D 163 24.06 16.55 -27.76
CA LEU D 163 24.23 15.52 -28.75
C LEU D 163 25.14 15.87 -29.91
N THR D 164 24.89 17.01 -30.55
CA THR D 164 25.69 17.44 -31.68
C THR D 164 26.85 18.35 -31.26
N GLN D 165 26.85 18.75 -29.99
CA GLN D 165 27.78 19.76 -29.42
C GLN D 165 27.70 21.18 -29.96
N LYS D 166 26.69 21.46 -30.78
CA LYS D 166 26.46 22.82 -31.26
C LYS D 166 26.27 23.76 -30.07
N GLY D 167 27.09 24.82 -30.02
CA GLY D 167 26.92 25.84 -29.03
C GLY D 167 27.46 25.48 -27.67
N LEU D 168 27.91 24.27 -27.50
CA LEU D 168 28.29 23.81 -26.18
C LEU D 168 29.52 24.50 -25.59
N LYS D 169 30.63 24.52 -26.31
CA LYS D 169 31.82 25.26 -25.85
C LYS D 169 31.51 26.70 -25.57
N ASN D 170 30.68 27.32 -26.40
CA ASN D 170 30.26 28.71 -26.18
C ASN D 170 29.51 28.98 -24.84
N VAL D 171 28.69 28.04 -24.40
CA VAL D 171 27.99 28.17 -23.15
C VAL D 171 29.02 28.36 -22.03
N PHE D 172 30.04 27.52 -21.97
CA PHE D 172 31.01 27.59 -20.86
C PHE D 172 31.96 28.77 -21.01
N ASP D 173 32.26 29.17 -22.23
CA ASP D 173 33.03 30.39 -22.44
C ASP D 173 32.25 31.61 -21.95
N GLU D 174 30.96 31.67 -22.25
CA GLU D 174 30.16 32.85 -21.83
C GLU D 174 29.98 32.82 -20.30
N ALA D 175 29.87 31.60 -19.73
CA ALA D 175 29.78 31.48 -18.27
C ALA D 175 31.02 32.04 -17.57
N ILE D 176 32.22 31.70 -18.05
CA ILE D 176 33.47 32.30 -17.52
C ILE D 176 33.56 33.79 -17.68
N LEU D 177 33.24 34.31 -18.88
CA LEU D 177 33.23 35.73 -19.12
C LEU D 177 32.29 36.53 -18.19
N ALA D 178 31.12 35.94 -17.92
CA ALA D 178 30.14 36.65 -17.12
C ALA D 178 30.63 36.67 -15.67
N ALA D 179 31.32 35.63 -15.26
CA ALA D 179 31.86 35.57 -13.90
C ALA D 179 32.96 36.57 -13.72
N LEU D 180 33.76 36.85 -14.74
CA LEU D 180 34.91 37.76 -14.58
C LEU D 180 34.54 39.22 -14.78
N GLU D 181 33.25 39.56 -14.80
CA GLU D 181 32.81 40.98 -14.99
C GLU D 181 32.74 41.80 -13.69
N PRO D 182 33.27 43.04 -13.69
CA PRO D 182 33.77 43.70 -12.46
C PRO D 182 32.69 44.01 -11.37
N SER D 188 31.98 41.89 -4.63
CA SER D 188 30.58 41.98 -5.07
C SER D 188 29.88 40.64 -5.44
N ARG D 189 30.22 40.04 -6.59
CA ARG D 189 29.27 39.13 -7.30
C ARG D 189 29.23 37.63 -6.90
N ARG D 190 30.24 37.17 -6.18
CA ARG D 190 30.26 35.79 -5.64
C ARG D 190 29.16 35.70 -4.60
N CYS D 191 28.27 34.71 -4.74
CA CYS D 191 27.22 34.45 -3.75
C CYS D 191 27.74 34.18 -2.32
N VAL D 192 27.43 35.11 -1.40
CA VAL D 192 27.85 35.05 0.01
C VAL D 192 26.63 35.07 0.92
N LEU D 193 26.78 35.65 2.14
CA LEU D 193 26.00 35.23 3.29
C LEU D 193 26.00 33.73 2.98
N LEU D 194 25.55 32.88 3.89
CA LEU D 194 25.53 31.43 3.64
C LEU D 194 26.84 30.83 3.09
C1 GOL E . -1.69 -32.81 -20.56
O1 GOL E . -3.03 -33.18 -20.51
C2 GOL E . -1.03 -33.06 -21.92
O2 GOL E . -0.64 -34.42 -21.99
C3 GOL E . 0.19 -32.15 -22.14
O3 GOL E . -0.09 -31.03 -22.97
C1 GOL F . -14.22 -0.87 -22.85
O1 GOL F . -15.41 -0.44 -22.23
C2 GOL F . -13.52 0.22 -23.67
O2 GOL F . -12.14 -0.01 -23.75
C3 GOL F . -13.75 1.58 -23.05
O3 GOL F . -14.92 2.15 -23.60
C1 GOL G . 4.20 -4.37 -25.95
O1 GOL G . 4.54 -4.01 -27.28
C2 GOL G . 3.32 -5.63 -25.95
O2 GOL G . 2.54 -5.67 -24.77
C3 GOL G . 4.16 -6.87 -26.03
O3 GOL G . 3.27 -7.95 -26.03
S SO4 H . -7.50 -10.53 4.43
O1 SO4 H . -7.83 -9.18 4.08
O2 SO4 H . -6.10 -10.66 4.04
O3 SO4 H . -8.29 -11.50 3.63
O4 SO4 H . -7.81 -10.68 5.82
C1 GOL I . 8.77 -14.49 12.70
O1 GOL I . 7.90 -13.42 13.04
C2 GOL I . 8.74 -14.72 11.19
O2 GOL I . 8.85 -16.09 10.95
C3 GOL I . 9.86 -13.99 10.47
O3 GOL I . 9.37 -13.42 9.28
S SO4 J . 18.94 16.27 -15.70
O1 SO4 J . 18.11 15.48 -14.80
O2 SO4 J . 18.40 17.62 -15.83
O3 SO4 J . 19.00 15.64 -17.01
O4 SO4 J . 20.29 16.30 -15.14
C1 GOL K . 37.03 11.33 -21.44
O1 GOL K . 37.12 11.55 -22.82
C2 GOL K . 37.91 12.29 -20.63
O2 GOL K . 37.46 12.28 -19.30
C3 GOL K . 37.87 13.73 -21.13
O3 GOL K . 39.09 14.39 -20.95
C1 GOL L . 31.57 13.01 -13.54
O1 GOL L . 31.59 11.90 -12.66
C2 GOL L . 32.91 13.45 -14.12
O2 GOL L . 33.13 14.68 -13.52
C3 GOL L . 32.80 13.58 -15.65
O3 GOL L . 33.87 14.28 -16.23
#